data_5AEL
#
_entry.id   5AEL
#
_cell.length_a   133.835
_cell.length_b   118.250
_cell.length_c   62.424
_cell.angle_alpha   90.00
_cell.angle_beta   112.39
_cell.angle_gamma   90.00
#
_symmetry.space_group_name_H-M   'C 1 2 1'
#
loop_
_entity.id
_entity.type
_entity.pdbx_description
1 polymer 'FARNESYL PYROPHOSPHATE SYNTHASE'
2 non-polymer {2-[3-(hex-1-yn-1-yl)pyridinium-1-yl]ethane-1,1-diyl}bis(phosphonate)
3 non-polymer 'MAGNESIUM ION'
4 water water
#
_entity_poly.entity_id   1
_entity_poly.type   'polypeptide(L)'
_entity_poly.pdbx_seq_one_letter_code
;MPMQMFMQVYDEIQMFLLEELELKFDMDPNRVRYLRKMMDTTCLGGKYNRGLTVIDVAESLLSLSPNNNGEEDDGARRKR
VLHDACVCGWMIEFLQAHYLVEDDIMDNSVTRRGKPCWYRHPDVTVQCAINDGLLLKSWTHMMAMHFFADRPFLQDLLCR
FNRVDYTTAVGQLYDVTSMFDSNKLDPDVSQPTTTDFAEFTLSNYKRIVKYKTAYYTYLLPLVMGLIVSEALPTVDMGVT
EELAMLMGEYFQVQDDVMDCFTPPERLGKVGTDIQDAKCSWLAVTFLAKASSAQVAEFKANYGSGDSEKVATVRRLYEEA
DLQGDYVAYEAAVAEQVKELIEKLRLCSPGFAASVETLWGKTYKRQK
;
_entity_poly.pdbx_strand_id   A,B
#
# COMPACT_ATOMS: atom_id res chain seq x y z
N MET A 1 30.74 11.76 -7.69
CA MET A 1 30.99 10.37 -7.18
C MET A 1 29.74 9.72 -6.58
N PRO A 2 29.02 10.45 -5.71
CA PRO A 2 27.87 9.84 -5.05
C PRO A 2 27.02 8.98 -5.99
N MET A 3 26.75 9.53 -7.17
CA MET A 3 25.89 8.91 -8.17
C MET A 3 26.43 7.60 -8.76
N GLN A 4 27.74 7.47 -8.74
CA GLN A 4 28.40 6.28 -9.27
C GLN A 4 28.02 5.08 -8.39
N MET A 5 28.20 5.24 -7.07
CA MET A 5 27.93 4.15 -6.12
C MET A 5 26.42 3.88 -5.88
N PHE A 6 25.61 4.94 -5.84
CA PHE A 6 24.18 4.80 -5.74
C PHE A 6 23.58 3.83 -6.78
N MET A 7 24.05 3.90 -8.02
CA MET A 7 23.57 3.00 -9.08
C MET A 7 24.21 1.63 -9.03
N GLN A 8 25.41 1.50 -8.45
CA GLN A 8 25.95 0.16 -8.20
C GLN A 8 25.02 -0.60 -7.23
N VAL A 9 24.66 0.07 -6.14
CA VAL A 9 23.74 -0.47 -5.15
C VAL A 9 22.35 -0.77 -5.70
N TYR A 10 21.87 0.06 -6.62
CA TYR A 10 20.61 -0.22 -7.30
C TYR A 10 20.66 -1.59 -7.93
N ASP A 11 21.79 -1.93 -8.55
CA ASP A 11 21.90 -3.21 -9.24
C ASP A 11 21.89 -4.33 -8.26
N GLU A 12 22.59 -4.06 -7.18
CA GLU A 12 22.76 -5.00 -6.09
C GLU A 12 21.39 -5.30 -5.57
N ILE A 13 20.68 -4.24 -5.23
CA ILE A 13 19.35 -4.37 -4.66
C ILE A 13 18.41 -5.09 -5.63
N GLN A 14 18.38 -4.63 -6.88
CA GLN A 14 17.56 -5.23 -7.92
C GLN A 14 17.83 -6.70 -8.15
N MET A 15 19.10 -7.06 -8.15
CA MET A 15 19.53 -8.43 -8.42
C MET A 15 19.06 -9.33 -7.27
N PHE A 16 19.05 -8.78 -6.07
CA PHE A 16 18.65 -9.53 -4.91
C PHE A 16 17.13 -9.80 -4.92
N LEU A 17 16.34 -8.76 -5.18
CA LEU A 17 14.87 -8.87 -5.15
C LEU A 17 14.36 -9.81 -6.18
N LEU A 18 14.85 -9.63 -7.41
CA LEU A 18 14.40 -10.45 -8.51
C LEU A 18 14.81 -11.92 -8.33
N GLU A 19 16.04 -12.15 -7.88
CA GLU A 19 16.49 -13.50 -7.57
C GLU A 19 15.67 -14.16 -6.45
N GLU A 20 15.33 -13.40 -5.43
CA GLU A 20 14.47 -13.89 -4.38
C GLU A 20 13.15 -14.35 -5.01
N LEU A 21 12.58 -13.51 -5.86
CA LEU A 21 11.33 -13.83 -6.51
C LEU A 21 11.42 -15.14 -7.27
N GLU A 22 12.57 -15.33 -7.87
CA GLU A 22 12.83 -16.53 -8.65
C GLU A 22 12.96 -17.76 -7.76
N LEU A 23 13.86 -17.67 -6.79
CA LEU A 23 14.21 -18.80 -5.95
C LEU A 23 13.16 -19.09 -4.89
N LYS A 24 12.53 -18.06 -4.36
CA LYS A 24 11.66 -18.26 -3.20
C LYS A 24 10.19 -18.10 -3.50
N PHE A 25 9.84 -17.46 -4.61
CA PHE A 25 8.43 -17.25 -4.92
C PHE A 25 7.96 -17.95 -6.17
N ASP A 26 8.80 -18.84 -6.69
CA ASP A 26 8.42 -19.71 -7.77
C ASP A 26 8.10 -18.87 -9.02
N MET A 27 8.79 -17.75 -9.18
CA MET A 27 8.47 -16.84 -10.28
C MET A 27 9.10 -17.21 -11.62
N ASP A 28 8.29 -17.11 -12.66
CA ASP A 28 8.70 -17.42 -14.01
C ASP A 28 9.45 -16.27 -14.61
N PRO A 29 10.19 -16.52 -15.69
CA PRO A 29 11.01 -15.43 -16.25
C PRO A 29 10.24 -14.27 -16.82
N ASN A 30 9.06 -14.52 -17.36
CA ASN A 30 8.29 -13.43 -17.93
C ASN A 30 7.90 -12.34 -16.95
N ARG A 31 7.30 -12.77 -15.87
CA ARG A 31 6.98 -11.88 -14.77
C ARG A 31 8.21 -11.26 -14.14
N VAL A 32 9.28 -12.05 -14.03
CA VAL A 32 10.52 -11.48 -13.57
C VAL A 32 10.91 -10.33 -14.43
N ARG A 33 10.80 -10.52 -15.76
CA ARG A 33 11.29 -9.48 -16.64
C ARG A 33 10.32 -8.30 -16.64
N TYR A 34 9.03 -8.58 -16.46
CA TYR A 34 8.04 -7.51 -16.27
C TYR A 34 8.40 -6.71 -15.04
N LEU A 35 8.64 -7.41 -13.94
CA LEU A 35 8.94 -6.69 -12.72
C LEU A 35 10.20 -5.87 -12.84
N ARG A 36 11.15 -6.33 -13.66
CA ARG A 36 12.37 -5.54 -13.81
C ARG A 36 12.05 -4.26 -14.56
N LYS A 37 11.21 -4.38 -15.59
CA LYS A 37 10.85 -3.19 -16.35
C LYS A 37 10.12 -2.22 -15.41
N MET A 38 9.17 -2.77 -14.66
CA MET A 38 8.38 -1.96 -13.77
C MET A 38 9.30 -1.21 -12.82
N MET A 39 10.12 -1.96 -12.12
CA MET A 39 11.12 -1.39 -11.23
C MET A 39 11.94 -0.24 -11.86
N ASP A 40 12.51 -0.47 -13.04
CA ASP A 40 13.31 0.57 -13.73
C ASP A 40 12.50 1.80 -14.11
N THR A 41 11.35 1.57 -14.70
CA THR A 41 10.47 2.63 -15.14
C THR A 41 9.91 3.48 -14.02
N THR A 42 9.65 2.90 -12.87
CA THR A 42 9.09 3.67 -11.78
C THR A 42 10.14 4.26 -10.86
N CYS A 43 11.28 3.58 -10.73
CA CYS A 43 12.31 4.04 -9.79
C CYS A 43 13.42 4.87 -10.42
N LEU A 44 13.65 4.70 -11.73
CA LEU A 44 14.70 5.48 -12.42
C LEU A 44 14.22 6.64 -13.30
N GLY A 45 15.19 7.46 -13.70
CA GLY A 45 14.96 8.56 -14.63
C GLY A 45 14.67 9.89 -13.98
N GLY A 46 14.46 9.92 -12.67
CA GLY A 46 14.31 11.19 -11.96
C GLY A 46 15.67 11.69 -11.51
N LYS A 47 15.66 12.63 -10.58
CA LYS A 47 16.90 13.24 -10.12
C LYS A 47 17.49 12.69 -8.83
N TYR A 48 16.72 11.89 -8.11
CA TYR A 48 17.20 11.19 -6.94
C TYR A 48 17.53 12.13 -5.76
N ASN A 49 16.84 13.23 -5.65
CA ASN A 49 17.24 14.15 -4.63
C ASN A 49 16.98 13.63 -3.24
N ARG A 50 15.97 12.80 -3.07
CA ARG A 50 15.71 12.18 -1.75
C ARG A 50 16.81 11.17 -1.45
N GLY A 51 17.13 10.32 -2.39
CA GLY A 51 18.14 9.32 -2.14
C GLY A 51 19.50 9.91 -1.86
N LEU A 52 19.92 10.82 -2.74
CA LEU A 52 21.26 11.41 -2.66
C LEU A 52 21.48 12.23 -1.42
N THR A 53 20.42 12.88 -0.95
CA THR A 53 20.51 13.59 0.31
C THR A 53 21.00 12.71 1.44
N VAL A 54 20.43 11.51 1.55
CA VAL A 54 20.80 10.51 2.59
C VAL A 54 22.31 10.26 2.60
N ILE A 55 22.85 9.98 1.42
CA ILE A 55 24.28 9.81 1.27
C ILE A 55 25.06 11.04 1.64
N ASP A 56 24.55 12.20 1.29
CA ASP A 56 25.31 13.40 1.55
C ASP A 56 25.35 13.61 3.07
N VAL A 57 24.20 13.46 3.75
CA VAL A 57 24.18 13.49 5.21
C VAL A 57 25.20 12.54 5.79
N ALA A 58 25.20 11.31 5.31
CA ALA A 58 26.15 10.29 5.75
C ALA A 58 27.58 10.74 5.59
N GLU A 59 27.91 11.19 4.39
CA GLU A 59 29.28 11.61 4.07
C GLU A 59 29.68 12.80 4.93
N SER A 60 28.80 13.78 5.09
CA SER A 60 29.15 14.94 5.91
C SER A 60 29.54 14.45 7.29
N LEU A 61 28.68 13.62 7.84
CA LEU A 61 28.75 13.30 9.26
C LEU A 61 29.86 12.37 9.70
N LEU A 62 30.75 11.91 8.83
CA LEU A 62 31.71 10.89 9.27
C LEU A 62 32.70 11.44 10.33
N SER A 63 33.03 12.73 10.18
CA SER A 63 33.93 13.45 11.10
C SER A 63 33.59 13.27 12.59
N ASP A 74 41.82 2.22 9.42
CA ASP A 74 40.53 1.61 9.18
C ASP A 74 39.64 2.52 8.32
N GLY A 75 39.37 2.08 7.09
CA GLY A 75 38.39 2.73 6.19
C GLY A 75 37.11 1.90 6.00
N ALA A 76 36.86 0.97 6.90
CA ALA A 76 35.76 0.02 6.73
C ALA A 76 34.39 0.50 7.30
N ARG A 77 34.40 1.27 8.38
CA ARG A 77 33.17 1.90 8.85
C ARG A 77 32.61 2.76 7.71
N ARG A 78 33.48 3.61 7.15
CA ARG A 78 33.17 4.44 6.00
C ARG A 78 32.45 3.65 4.89
N LYS A 79 33.02 2.55 4.44
CA LYS A 79 32.33 1.68 3.48
C LYS A 79 30.97 1.18 3.95
N ARG A 80 30.88 0.76 5.20
CA ARG A 80 29.64 0.24 5.71
C ARG A 80 28.59 1.37 5.74
N VAL A 81 28.91 2.46 6.40
CA VAL A 81 27.98 3.59 6.50
C VAL A 81 27.50 4.12 5.13
N LEU A 82 28.39 4.13 4.14
CA LEU A 82 28.07 4.64 2.82
C LEU A 82 27.13 3.70 2.10
N HIS A 83 27.43 2.41 2.15
CA HIS A 83 26.57 1.40 1.51
C HIS A 83 25.18 1.36 2.16
N ASP A 84 25.18 1.48 3.49
CA ASP A 84 23.96 1.56 4.20
C ASP A 84 23.16 2.77 3.71
N ALA A 85 23.86 3.87 3.46
CA ALA A 85 23.21 5.11 3.05
C ALA A 85 22.56 4.96 1.66
N CYS A 86 23.28 4.36 0.73
CA CYS A 86 22.69 4.03 -0.56
C CYS A 86 21.40 3.17 -0.42
N VAL A 87 21.42 2.16 0.44
CA VAL A 87 20.27 1.30 0.60
C VAL A 87 19.09 2.14 1.08
N CYS A 88 19.33 2.88 2.16
CA CYS A 88 18.37 3.87 2.63
C CYS A 88 17.88 4.82 1.54
N GLY A 89 18.81 5.35 0.76
CA GLY A 89 18.49 6.21 -0.35
C GLY A 89 17.55 5.56 -1.32
N TRP A 90 17.80 4.31 -1.68
CA TRP A 90 16.85 3.59 -2.50
C TRP A 90 15.53 3.24 -1.78
N MET A 91 15.57 3.06 -0.46
CA MET A 91 14.29 2.87 0.24
C MET A 91 13.37 4.05 -0.05
N ILE A 92 13.90 5.27 0.06
CA ILE A 92 13.06 6.45 -0.17
C ILE A 92 12.75 6.57 -1.64
N GLU A 93 13.70 6.26 -2.50
CA GLU A 93 13.35 6.37 -3.93
C GLU A 93 12.26 5.34 -4.32
N PHE A 94 12.23 4.18 -3.67
CA PHE A 94 11.23 3.16 -3.99
C PHE A 94 9.90 3.55 -3.39
N LEU A 95 9.97 4.24 -2.25
CA LEU A 95 8.79 4.76 -1.60
C LEU A 95 8.12 5.84 -2.43
N GLN A 96 8.92 6.84 -2.83
CA GLN A 96 8.54 7.82 -3.84
C GLN A 96 7.95 7.14 -5.09
N ALA A 97 8.58 6.06 -5.53
CA ALA A 97 8.11 5.36 -6.74
C ALA A 97 6.72 4.84 -6.55
N HIS A 98 6.51 4.17 -5.43
CA HIS A 98 5.18 3.70 -5.03
C HIS A 98 4.14 4.84 -5.03
N TYR A 99 4.42 5.91 -4.29
CA TYR A 99 3.50 7.05 -4.22
C TYR A 99 3.15 7.60 -5.59
N LEU A 100 4.11 7.75 -6.46
CA LEU A 100 3.82 8.26 -7.82
C LEU A 100 2.93 7.35 -8.71
N VAL A 101 3.18 6.05 -8.72
CA VAL A 101 2.27 5.13 -9.39
C VAL A 101 0.86 5.39 -8.91
N GLU A 102 0.68 5.48 -7.60
CA GLU A 102 -0.66 5.58 -7.05
C GLU A 102 -1.21 7.00 -7.21
N ASP A 103 -0.34 8.02 -7.05
CA ASP A 103 -0.76 9.42 -7.19
C ASP A 103 -1.25 9.65 -8.58
N ASP A 104 -0.50 9.16 -9.57
CA ASP A 104 -0.81 9.42 -10.99
C ASP A 104 -2.20 8.89 -11.32
N ILE A 105 -2.52 7.75 -10.76
CA ILE A 105 -3.84 7.18 -10.95
C ILE A 105 -4.91 8.08 -10.28
N MET A 106 -4.75 8.31 -8.99
CA MET A 106 -5.58 9.22 -8.23
C MET A 106 -5.69 10.61 -8.86
N ASP A 107 -4.61 11.12 -9.42
CA ASP A 107 -4.61 12.48 -9.99
C ASP A 107 -4.99 12.46 -11.48
N ASN A 108 -5.24 11.26 -11.99
CA ASN A 108 -5.60 11.06 -13.39
C ASN A 108 -4.59 11.67 -14.38
N SER A 109 -3.30 11.50 -14.13
CA SER A 109 -2.28 12.19 -14.90
C SER A 109 -1.97 11.33 -16.07
N VAL A 110 -1.26 11.94 -17.03
CA VAL A 110 -1.05 11.35 -18.37
C VAL A 110 0.40 10.87 -18.48
N THR A 111 1.30 11.65 -17.96
CA THR A 111 2.67 11.59 -18.34
C THR A 111 3.47 11.75 -17.03
N ARG A 112 4.70 11.25 -17.00
CA ARG A 112 5.54 11.27 -15.80
C ARG A 112 6.97 10.93 -16.24
N ARG A 113 7.91 11.79 -15.87
CA ARG A 113 9.33 11.62 -16.18
C ARG A 113 9.61 11.40 -17.66
N GLY A 114 8.83 12.01 -18.53
CA GLY A 114 9.12 11.97 -19.95
C GLY A 114 8.34 10.89 -20.64
N LYS A 115 7.77 9.97 -19.88
CA LYS A 115 7.04 8.85 -20.51
C LYS A 115 5.61 8.73 -19.97
N PRO A 116 4.79 7.87 -20.56
CA PRO A 116 3.48 7.79 -19.94
C PRO A 116 3.51 7.33 -18.47
N CYS A 117 2.51 7.73 -17.70
CA CYS A 117 2.34 7.21 -16.36
C CYS A 117 2.33 5.69 -16.44
N TRP A 118 2.84 5.05 -15.40
CA TRP A 118 2.79 3.57 -15.31
C TRP A 118 1.43 2.99 -15.69
N TYR A 119 0.37 3.45 -15.03
CA TYR A 119 -0.95 2.92 -15.32
C TYR A 119 -1.41 3.18 -16.74
N ARG A 120 -0.69 4.05 -17.43
CA ARG A 120 -1.02 4.43 -18.79
C ARG A 120 -0.18 3.64 -19.78
N HIS A 121 0.87 2.97 -19.33
CA HIS A 121 1.66 2.12 -20.23
C HIS A 121 0.73 1.13 -20.88
N PRO A 122 0.88 0.96 -22.20
CA PRO A 122 -0.01 0.18 -23.04
C PRO A 122 -0.30 -1.21 -22.51
N ASP A 123 0.72 -1.88 -21.98
CA ASP A 123 0.52 -3.23 -21.45
C ASP A 123 0.30 -3.33 -19.96
N VAL A 124 0.14 -2.20 -19.29
CA VAL A 124 -0.11 -2.22 -17.90
C VAL A 124 -1.60 -1.90 -17.76
N THR A 125 -2.34 -2.87 -17.22
CA THR A 125 -3.71 -2.60 -16.82
C THR A 125 -3.73 -1.76 -15.55
N VAL A 126 -4.90 -1.19 -15.26
CA VAL A 126 -5.03 -0.28 -14.14
C VAL A 126 -4.97 -1.09 -12.84
N GLN A 127 -5.72 -2.18 -12.80
CA GLN A 127 -5.70 -3.07 -11.67
C GLN A 127 -4.29 -3.50 -11.34
N CYS A 128 -3.48 -3.72 -12.34
CA CYS A 128 -2.18 -4.30 -12.11
C CYS A 128 -1.23 -3.21 -11.69
N ALA A 129 -1.43 -1.99 -12.20
CA ALA A 129 -0.59 -0.87 -11.76
C ALA A 129 -0.76 -0.59 -10.26
N ILE A 130 -2.01 -0.62 -9.81
CA ILE A 130 -2.32 -0.42 -8.42
C ILE A 130 -1.55 -1.42 -7.62
N ASN A 131 -1.56 -2.69 -8.05
CA ASN A 131 -0.79 -3.72 -7.30
C ASN A 131 0.72 -3.59 -7.43
N ASP A 132 1.16 -3.07 -8.56
CA ASP A 132 2.60 -2.86 -8.79
C ASP A 132 3.09 -1.77 -7.87
N GLY A 133 2.26 -0.76 -7.66
CA GLY A 133 2.60 0.26 -6.71
C GLY A 133 2.78 -0.35 -5.33
N LEU A 134 1.99 -1.37 -5.00
CA LEU A 134 2.09 -1.98 -3.66
C LEU A 134 3.34 -2.82 -3.54
N LEU A 135 3.71 -3.52 -4.61
CA LEU A 135 4.98 -4.23 -4.69
C LEU A 135 6.15 -3.32 -4.41
N LEU A 136 6.14 -2.13 -5.04
CA LEU A 136 7.12 -1.07 -4.77
C LEU A 136 7.28 -0.71 -3.32
N LYS A 137 6.17 -0.51 -2.66
CA LYS A 137 6.21 -0.26 -1.23
C LYS A 137 6.82 -1.43 -0.48
N SER A 138 6.35 -2.65 -0.73
CA SER A 138 6.89 -3.79 0.01
C SER A 138 8.41 -3.98 -0.22
N TRP A 139 8.91 -3.55 -1.36
CA TRP A 139 10.34 -3.68 -1.63
C TRP A 139 11.14 -2.77 -0.75
N THR A 140 10.55 -1.69 -0.26
CA THR A 140 11.31 -0.92 0.67
C THR A 140 11.56 -1.78 1.91
N HIS A 141 10.57 -2.54 2.35
CA HIS A 141 10.73 -3.33 3.59
C HIS A 141 11.72 -4.43 3.40
N MET A 142 11.59 -5.10 2.25
CA MET A 142 12.38 -6.25 1.94
C MET A 142 13.85 -5.93 1.81
N MET A 143 14.17 -4.86 1.07
CA MET A 143 15.58 -4.46 0.91
C MET A 143 16.15 -4.09 2.27
N ALA A 144 15.35 -3.51 3.14
CA ALA A 144 15.82 -3.13 4.46
C ALA A 144 16.09 -4.36 5.26
N MET A 145 15.13 -5.28 5.25
CA MET A 145 15.19 -6.53 6.01
C MET A 145 16.44 -7.30 5.63
N HIS A 146 16.81 -7.19 4.38
CA HIS A 146 17.90 -7.95 3.88
C HIS A 146 19.24 -7.29 4.22
N PHE A 147 19.41 -6.07 3.76
CA PHE A 147 20.67 -5.38 3.96
C PHE A 147 21.00 -4.98 5.40
N PHE A 148 19.96 -4.76 6.20
CA PHE A 148 20.18 -4.33 7.58
C PHE A 148 19.89 -5.42 8.61
N ALA A 149 19.71 -6.67 8.16
CA ALA A 149 19.36 -7.78 9.05
C ALA A 149 20.17 -7.79 10.38
N ASP A 150 21.47 -7.50 10.31
CA ASP A 150 22.39 -7.60 11.46
C ASP A 150 22.71 -6.24 12.01
N ARG A 151 21.73 -5.38 11.95
CA ARG A 151 22.01 -3.99 12.11
C ARG A 151 21.19 -3.48 13.28
N PRO A 152 21.85 -3.01 14.34
CA PRO A 152 21.13 -2.62 15.55
C PRO A 152 20.05 -1.58 15.33
N PHE A 153 20.13 -0.80 14.25
CA PHE A 153 19.17 0.28 14.06
C PHE A 153 17.96 -0.09 13.18
N LEU A 154 17.84 -1.34 12.77
CA LEU A 154 16.79 -1.72 11.84
C LEU A 154 15.40 -1.44 12.35
N GLN A 155 15.15 -1.73 13.61
CA GLN A 155 13.85 -1.47 14.21
C GLN A 155 13.52 0.01 14.19
N ASP A 156 14.44 0.84 14.70
CA ASP A 156 14.20 2.29 14.75
C ASP A 156 13.87 2.83 13.35
N LEU A 157 14.68 2.41 12.37
CA LEU A 157 14.48 2.77 10.99
C LEU A 157 13.08 2.40 10.48
N LEU A 158 12.71 1.13 10.56
CA LEU A 158 11.41 0.70 10.02
C LEU A 158 10.27 1.47 10.66
N CYS A 159 10.42 1.75 11.96
CA CYS A 159 9.42 2.45 12.70
C CYS A 159 9.30 3.86 12.17
N ARG A 160 10.43 4.55 12.05
CA ARG A 160 10.38 5.94 11.60
C ARG A 160 9.85 6.03 10.17
N PHE A 161 10.29 5.07 9.37
CA PHE A 161 9.91 4.98 7.99
C PHE A 161 8.41 4.78 7.85
N ASN A 162 7.85 3.82 8.60
CA ASN A 162 6.40 3.64 8.62
C ASN A 162 5.65 4.87 9.10
N ARG A 163 6.15 5.52 10.14
CA ARG A 163 5.47 6.69 10.64
C ARG A 163 5.29 7.65 9.48
N VAL A 164 6.38 7.93 8.76
CA VAL A 164 6.39 8.97 7.72
C VAL A 164 5.48 8.54 6.56
N ASP A 165 5.58 7.27 6.22
CA ASP A 165 4.76 6.70 5.19
C ASP A 165 3.30 6.94 5.52
N TYR A 166 2.94 6.64 6.76
CA TYR A 166 1.58 6.86 7.18
C TYR A 166 1.24 8.33 7.09
N THR A 167 2.15 9.20 7.48
CA THR A 167 1.86 10.63 7.41
C THR A 167 1.55 11.04 5.96
N THR A 168 2.30 10.50 5.03
CA THR A 168 2.11 10.81 3.61
C THR A 168 0.72 10.40 3.13
N ALA A 169 0.30 9.21 3.52
CA ALA A 169 -1.06 8.73 3.25
C ALA A 169 -2.17 9.65 3.79
N VAL A 170 -1.93 10.17 4.99
CA VAL A 170 -2.81 11.14 5.62
C VAL A 170 -2.81 12.45 4.85
N GLY A 171 -1.64 12.88 4.40
CA GLY A 171 -1.55 14.09 3.58
C GLY A 171 -2.31 13.82 2.30
N GLN A 172 -2.21 12.61 1.79
CA GLN A 172 -2.88 12.35 0.53
C GLN A 172 -4.39 12.44 0.59
N LEU A 173 -4.95 12.02 1.72
CA LEU A 173 -6.37 12.15 2.02
C LEU A 173 -6.79 13.63 2.07
N TYR A 174 -5.93 14.47 2.67
CA TYR A 174 -6.16 15.92 2.62
C TYR A 174 -6.24 16.42 1.18
N ASP A 175 -5.30 16.02 0.35
CA ASP A 175 -5.26 16.41 -1.07
C ASP A 175 -6.49 15.95 -1.85
N VAL A 176 -6.88 14.73 -1.62
CA VAL A 176 -7.83 14.07 -2.51
C VAL A 176 -9.25 14.48 -2.18
N THR A 177 -9.48 14.90 -0.94
CA THR A 177 -10.75 15.45 -0.48
C THR A 177 -10.80 16.99 -0.36
N SER A 178 -9.76 17.68 -0.78
CA SER A 178 -9.70 19.14 -0.60
C SER A 178 -10.81 19.94 -1.31
N MET A 179 -11.48 19.32 -2.28
CA MET A 179 -12.55 20.01 -3.04
C MET A 179 -13.99 19.54 -2.69
N PHE A 180 -14.16 18.86 -1.57
CA PHE A 180 -15.51 18.53 -1.11
C PHE A 180 -15.76 19.34 0.14
N ASP A 181 -16.96 19.90 0.25
CA ASP A 181 -17.37 20.43 1.52
C ASP A 181 -17.14 19.30 2.53
N SER A 182 -16.26 19.53 3.50
CA SER A 182 -15.92 18.47 4.42
C SER A 182 -17.11 18.22 5.37
N ASN A 183 -17.97 19.24 5.53
CA ASN A 183 -19.20 19.12 6.31
C ASN A 183 -20.12 18.01 5.78
N LYS A 184 -20.17 17.85 4.46
CA LYS A 184 -21.00 16.84 3.80
C LYS A 184 -20.26 15.54 3.46
N LEU A 185 -19.00 15.43 3.87
CA LEU A 185 -18.18 14.27 3.51
C LEU A 185 -18.70 13.06 4.28
N ASP A 186 -19.44 12.17 3.60
CA ASP A 186 -20.01 10.98 4.23
C ASP A 186 -20.07 9.91 3.17
N PRO A 187 -19.46 8.72 3.41
CA PRO A 187 -19.42 7.59 2.45
C PRO A 187 -20.74 7.20 1.84
N ASP A 188 -21.78 7.22 2.67
CA ASP A 188 -23.10 6.74 2.30
C ASP A 188 -23.83 7.68 1.36
N VAL A 189 -23.35 8.89 1.19
CA VAL A 189 -24.09 9.87 0.40
C VAL A 189 -23.22 10.59 -0.60
N SER A 190 -23.55 10.46 -1.89
CA SER A 190 -22.86 11.21 -2.95
C SER A 190 -22.87 12.72 -2.76
N GLN A 191 -21.91 13.42 -3.39
CA GLN A 191 -21.76 14.89 -3.27
C GLN A 191 -20.86 15.50 -4.35
N PRO A 192 -21.33 16.55 -5.06
CA PRO A 192 -20.51 17.06 -6.17
C PRO A 192 -19.42 17.97 -5.62
N THR A 193 -18.48 18.35 -6.49
CA THR A 193 -17.46 19.35 -6.18
C THR A 193 -18.02 20.56 -5.48
N THR A 194 -17.29 21.06 -4.49
CA THR A 194 -17.64 22.33 -3.84
C THR A 194 -17.82 23.39 -4.90
N THR A 195 -18.88 24.16 -4.79
CA THR A 195 -19.10 25.30 -5.67
C THR A 195 -18.74 26.59 -4.94
N ASP A 196 -18.57 26.53 -3.62
CA ASP A 196 -18.21 27.72 -2.83
C ASP A 196 -16.72 27.84 -2.45
N PHE A 197 -15.98 26.72 -2.44
CA PHE A 197 -14.52 26.69 -2.18
C PHE A 197 -14.09 27.28 -0.84
N ALA A 198 -14.93 27.15 0.18
CA ALA A 198 -14.62 27.72 1.51
C ALA A 198 -13.33 27.18 2.09
N GLU A 199 -13.04 25.93 1.76
CA GLU A 199 -11.84 25.23 2.26
C GLU A 199 -10.53 25.59 1.52
N PHE A 200 -10.59 26.44 0.49
CA PHE A 200 -9.37 26.80 -0.25
C PHE A 200 -8.67 27.96 0.42
N THR A 201 -8.12 27.66 1.58
CA THR A 201 -7.48 28.64 2.44
C THR A 201 -6.04 28.22 2.62
N LEU A 202 -5.19 29.16 2.98
CA LEU A 202 -3.77 28.87 3.17
C LEU A 202 -3.59 27.92 4.37
N SER A 203 -4.40 28.08 5.39
CA SER A 203 -4.30 27.20 6.53
C SER A 203 -4.47 25.69 6.13
N ASN A 204 -5.55 25.36 5.41
CA ASN A 204 -5.77 24.02 4.87
C ASN A 204 -4.70 23.63 3.85
N TYR A 205 -4.28 24.55 3.00
CA TYR A 205 -3.19 24.28 2.08
C TYR A 205 -1.97 23.80 2.85
N LYS A 206 -1.59 24.56 3.85
CA LYS A 206 -0.40 24.25 4.64
C LYS A 206 -0.51 22.88 5.27
N ARG A 207 -1.73 22.47 5.61
CA ARG A 207 -1.93 21.17 6.19
C ARG A 207 -1.68 20.05 5.16
N ILE A 208 -2.18 20.26 3.93
CA ILE A 208 -2.06 19.25 2.86
C ILE A 208 -0.61 18.88 2.62
N VAL A 209 0.19 19.92 2.61
CA VAL A 209 1.51 19.89 2.07
C VAL A 209 2.57 19.48 3.11
N LYS A 210 2.38 19.97 4.33
CA LYS A 210 3.13 19.52 5.47
C LYS A 210 3.12 17.97 5.50
N TYR A 211 1.92 17.39 5.36
CA TYR A 211 1.74 15.95 5.54
C TYR A 211 2.02 15.07 4.27
N LYS A 212 1.68 15.57 3.09
CA LYS A 212 1.79 14.78 1.85
C LYS A 212 3.16 14.90 1.23
N THR A 213 3.91 15.94 1.54
CA THR A 213 5.21 16.11 0.91
C THR A 213 6.41 16.33 1.89
N ALA A 214 6.25 17.20 2.89
CA ALA A 214 7.40 17.65 3.69
C ALA A 214 8.17 16.56 4.40
N TYR A 215 7.44 15.73 5.11
CA TYR A 215 7.96 14.59 5.87
C TYR A 215 8.79 13.56 5.12
N TYR A 216 8.25 12.99 4.07
CA TYR A 216 9.01 12.03 3.29
C TYR A 216 10.03 12.66 2.40
N THR A 217 9.79 13.89 2.00
CA THR A 217 10.65 14.49 1.01
C THR A 217 11.82 15.17 1.69
N TYR A 218 11.58 15.80 2.83
CA TYR A 218 12.66 16.53 3.52
C TYR A 218 13.08 15.90 4.84
N LEU A 219 12.15 15.68 5.74
CA LEU A 219 12.57 15.16 7.05
C LEU A 219 13.18 13.77 6.96
N LEU A 220 12.62 12.92 6.10
CA LEU A 220 12.93 11.51 6.16
C LEU A 220 14.32 11.19 5.61
N PRO A 221 14.73 11.80 4.50
CA PRO A 221 16.12 11.65 4.05
C PRO A 221 17.16 12.10 5.07
N LEU A 222 16.90 13.21 5.75
CA LEU A 222 17.82 13.72 6.74
C LEU A 222 18.04 12.73 7.89
N VAL A 223 16.92 12.34 8.47
CA VAL A 223 16.88 11.37 9.56
C VAL A 223 17.57 10.05 9.16
N MET A 224 17.32 9.55 7.96
CA MET A 224 17.89 8.28 7.57
C MET A 224 19.41 8.39 7.54
N GLY A 225 19.88 9.53 7.06
CA GLY A 225 21.29 9.84 7.02
C GLY A 225 21.82 9.86 8.42
N LEU A 226 21.06 10.45 9.33
CA LEU A 226 21.50 10.43 10.72
C LEU A 226 21.61 9.02 11.34
N ILE A 227 20.61 8.19 11.11
CA ILE A 227 20.55 6.87 11.71
C ILE A 227 21.73 5.98 11.29
N VAL A 228 21.99 5.90 10.00
CA VAL A 228 23.04 4.98 9.51
C VAL A 228 24.45 5.46 9.85
N SER A 229 24.53 6.74 10.17
CA SER A 229 25.69 7.40 10.73
C SER A 229 25.75 7.25 12.25
N GLU A 230 24.69 6.71 12.82
CA GLU A 230 24.58 6.51 14.26
C GLU A 230 24.79 7.82 14.95
N ALA A 231 24.05 8.82 14.51
CA ALA A 231 24.32 10.20 14.92
C ALA A 231 23.06 10.96 15.27
N LEU A 232 21.93 10.28 15.26
CA LEU A 232 20.66 10.93 15.45
C LEU A 232 20.69 11.78 16.71
N PRO A 233 21.10 11.20 17.85
CA PRO A 233 21.09 12.02 19.08
C PRO A 233 22.02 13.25 19.07
N THR A 234 22.91 13.39 18.11
CA THR A 234 23.79 14.55 18.13
C THR A 234 23.15 15.83 17.61
N VAL A 235 21.90 15.76 17.14
CA VAL A 235 21.32 16.95 16.50
C VAL A 235 20.05 17.45 17.15
N ASP A 236 19.81 18.76 17.04
CA ASP A 236 18.56 19.33 17.51
C ASP A 236 17.45 18.95 16.56
N MET A 237 16.67 17.97 16.97
CA MET A 237 15.69 17.36 16.10
C MET A 237 14.49 18.31 15.92
N GLY A 238 14.08 18.98 16.98
CA GLY A 238 13.01 19.98 16.89
C GLY A 238 13.29 21.10 15.89
N VAL A 239 14.55 21.48 15.74
CA VAL A 239 14.94 22.46 14.74
C VAL A 239 14.98 21.81 13.36
N THR A 240 15.48 20.59 13.34
CA THR A 240 15.58 19.87 12.10
C THR A 240 14.20 19.76 11.49
N GLU A 241 13.27 19.30 12.27
CA GLU A 241 11.91 19.25 11.84
C GLU A 241 11.43 20.62 11.34
N GLU A 242 11.71 21.71 12.06
CA GLU A 242 11.27 23.02 11.59
C GLU A 242 11.70 23.31 10.15
N LEU A 243 12.99 23.11 9.90
CA LEU A 243 13.57 23.25 8.59
C LEU A 243 12.83 22.40 7.56
N ALA A 244 12.64 21.13 7.87
CA ALA A 244 12.06 20.20 6.91
C ALA A 244 10.66 20.65 6.53
N MET A 245 9.89 21.13 7.51
CA MET A 245 8.53 21.58 7.25
C MET A 245 8.53 22.78 6.34
N LEU A 246 9.48 23.67 6.58
CA LEU A 246 9.62 24.87 5.80
C LEU A 246 10.06 24.54 4.37
N MET A 247 11.18 23.85 4.28
CA MET A 247 11.70 23.50 2.97
C MET A 247 10.70 22.64 2.18
N GLY A 248 9.98 21.78 2.89
CA GLY A 248 8.88 20.99 2.30
C GLY A 248 7.68 21.76 1.77
N GLU A 249 7.22 22.73 2.55
CA GLU A 249 6.14 23.57 2.08
C GLU A 249 6.54 24.28 0.82
N TYR A 250 7.72 24.87 0.86
CA TYR A 250 8.17 25.70 -0.25
C TYR A 250 8.35 24.84 -1.49
N PHE A 251 8.98 23.68 -1.34
CA PHE A 251 9.04 22.67 -2.43
C PHE A 251 7.68 22.39 -3.07
N GLN A 252 6.65 22.14 -2.25
CA GLN A 252 5.31 21.89 -2.81
C GLN A 252 4.69 23.13 -3.46
N VAL A 253 4.91 24.29 -2.85
CA VAL A 253 4.51 25.54 -3.51
C VAL A 253 5.13 25.63 -4.93
N GLN A 254 6.44 25.47 -4.99
CA GLN A 254 7.14 25.35 -6.29
C GLN A 254 6.51 24.29 -7.20
N ASP A 255 6.20 23.09 -6.67
CA ASP A 255 5.54 22.03 -7.48
C ASP A 255 4.25 22.57 -8.05
N ASP A 256 3.43 23.17 -7.19
CA ASP A 256 2.12 23.65 -7.66
C ASP A 256 2.24 24.69 -8.80
N VAL A 257 3.25 25.55 -8.69
CA VAL A 257 3.42 26.62 -9.65
C VAL A 257 3.80 26.10 -11.03
N MET A 258 4.80 25.25 -11.04
CA MET A 258 5.28 24.63 -12.27
C MET A 258 4.17 23.80 -12.90
N ASP A 259 3.30 23.23 -12.08
CA ASP A 259 2.22 22.43 -12.61
C ASP A 259 1.46 23.28 -13.58
N CYS A 260 1.34 24.55 -13.22
CA CYS A 260 0.60 25.50 -14.01
C CYS A 260 1.44 26.25 -15.07
N PHE A 261 2.65 26.70 -14.74
CA PHE A 261 3.34 27.63 -15.65
C PHE A 261 4.64 27.11 -16.26
N THR A 262 5.01 25.89 -15.92
CA THR A 262 6.14 25.32 -16.57
C THR A 262 5.76 24.45 -17.75
N PRO A 263 6.41 24.67 -18.89
CA PRO A 263 6.17 23.81 -20.05
C PRO A 263 6.37 22.35 -19.69
N PRO A 264 5.40 21.48 -20.04
CA PRO A 264 5.45 20.04 -19.78
C PRO A 264 6.77 19.38 -20.08
N GLU A 265 7.49 19.91 -21.07
CA GLU A 265 8.74 19.29 -21.53
C GLU A 265 9.85 19.54 -20.55
N ARG A 266 9.95 20.73 -19.99
CA ARG A 266 10.95 20.96 -18.97
C ARG A 266 10.64 20.06 -17.76
N LEU A 267 9.37 19.83 -17.51
CA LEU A 267 8.92 19.13 -16.31
C LEU A 267 8.85 17.58 -16.42
N GLY A 268 8.65 17.07 -17.62
CA GLY A 268 8.50 15.64 -17.82
C GLY A 268 7.07 15.17 -17.59
N LYS A 269 6.18 16.11 -17.31
CA LYS A 269 4.81 15.75 -17.00
C LYS A 269 3.85 16.89 -17.29
N VAL A 270 2.62 16.50 -17.60
CA VAL A 270 1.49 17.42 -17.82
C VAL A 270 0.80 17.71 -16.49
N GLY A 271 0.50 18.99 -16.25
CA GLY A 271 -0.16 19.42 -15.00
C GLY A 271 -1.62 19.04 -14.97
N THR A 272 -2.11 18.56 -13.83
CA THR A 272 -3.55 18.24 -13.72
C THR A 272 -4.28 19.04 -12.65
N ASP A 273 -3.57 19.89 -11.90
CA ASP A 273 -4.10 20.52 -10.65
C ASP A 273 -5.38 21.33 -10.96
N ILE A 274 -5.31 22.12 -12.02
CA ILE A 274 -6.50 22.89 -12.40
C ILE A 274 -7.69 21.95 -12.63
N GLN A 275 -7.51 21.04 -13.61
CA GLN A 275 -8.50 20.03 -14.01
C GLN A 275 -9.07 19.22 -12.83
N ASP A 276 -8.18 18.76 -11.94
CA ASP A 276 -8.59 18.01 -10.75
C ASP A 276 -9.20 18.90 -9.64
N ALA A 277 -9.29 20.21 -9.88
CA ALA A 277 -9.76 21.16 -8.91
C ALA A 277 -8.97 21.05 -7.62
N LYS A 278 -7.65 20.93 -7.72
CA LYS A 278 -6.84 20.75 -6.53
C LYS A 278 -6.73 22.02 -5.74
N CYS A 279 -6.59 21.87 -4.42
CA CYS A 279 -6.28 22.99 -3.56
C CYS A 279 -4.78 23.22 -3.61
N SER A 280 -4.34 23.79 -4.73
CA SER A 280 -2.97 24.22 -4.94
C SER A 280 -2.68 25.56 -4.28
N TRP A 281 -1.40 25.85 -4.10
CA TRP A 281 -1.00 27.13 -3.55
C TRP A 281 -1.52 28.30 -4.36
N LEU A 282 -1.53 28.16 -5.67
CA LEU A 282 -2.02 29.24 -6.54
C LEU A 282 -3.47 29.56 -6.28
N ALA A 283 -4.26 28.51 -6.10
CA ALA A 283 -5.69 28.67 -5.97
C ALA A 283 -5.99 29.37 -4.66
N VAL A 284 -5.31 28.96 -3.59
CA VAL A 284 -5.59 29.58 -2.30
C VAL A 284 -5.17 31.04 -2.35
N THR A 285 -4.06 31.28 -2.99
CA THR A 285 -3.42 32.56 -2.99
C THR A 285 -4.24 33.52 -3.84
N PHE A 286 -4.53 33.13 -5.08
CA PHE A 286 -5.57 33.81 -5.88
C PHE A 286 -6.85 34.12 -5.08
N LEU A 287 -7.51 33.10 -4.50
CA LEU A 287 -8.85 33.28 -3.95
C LEU A 287 -8.88 34.26 -2.76
N ALA A 288 -7.78 34.35 -2.04
CA ALA A 288 -7.78 35.20 -0.87
C ALA A 288 -7.67 36.66 -1.29
N LYS A 289 -7.19 36.92 -2.49
CA LYS A 289 -7.02 38.32 -2.90
C LYS A 289 -7.89 38.79 -4.05
N ALA A 290 -8.58 37.89 -4.73
CA ALA A 290 -9.31 38.28 -5.93
C ALA A 290 -10.62 38.98 -5.62
N SER A 291 -11.06 39.74 -6.60
CA SER A 291 -12.33 40.41 -6.56
C SER A 291 -13.36 39.32 -6.68
N SER A 292 -14.55 39.59 -6.15
CA SER A 292 -15.73 38.75 -6.33
C SER A 292 -16.02 38.37 -7.78
N ALA A 293 -15.76 39.30 -8.70
CA ALA A 293 -15.97 39.06 -10.14
C ALA A 293 -15.01 38.03 -10.62
N GLN A 294 -13.72 38.26 -10.37
CA GLN A 294 -12.68 37.30 -10.72
C GLN A 294 -13.03 35.92 -10.17
N VAL A 295 -13.51 35.90 -8.96
CA VAL A 295 -13.83 34.69 -8.25
C VAL A 295 -14.95 33.95 -8.92
N ALA A 296 -15.97 34.65 -9.35
CA ALA A 296 -17.06 34.01 -10.09
C ALA A 296 -16.54 33.35 -11.35
N GLU A 297 -15.60 34.02 -11.99
CA GLU A 297 -15.06 33.54 -13.25
C GLU A 297 -14.32 32.23 -12.99
N PHE A 298 -13.36 32.30 -12.05
CA PHE A 298 -12.62 31.16 -11.55
C PHE A 298 -13.55 29.97 -11.24
N LYS A 299 -14.62 30.24 -10.49
CA LYS A 299 -15.62 29.21 -10.16
C LYS A 299 -16.30 28.63 -11.39
N ALA A 300 -16.36 29.38 -12.48
CA ALA A 300 -17.03 28.89 -13.69
C ALA A 300 -16.10 27.97 -14.50
N ASN A 301 -14.79 28.11 -14.29
CA ASN A 301 -13.78 27.48 -15.12
C ASN A 301 -12.88 26.45 -14.41
N TYR A 302 -12.82 26.47 -13.09
CA TYR A 302 -11.95 25.54 -12.37
C TYR A 302 -12.52 24.13 -12.36
N GLY A 303 -11.62 23.15 -12.34
CA GLY A 303 -12.00 21.73 -12.19
C GLY A 303 -12.69 21.09 -13.41
N SER A 304 -12.27 21.48 -14.60
CA SER A 304 -12.82 21.00 -15.83
C SER A 304 -11.68 20.77 -16.82
N GLY A 305 -11.77 19.65 -17.53
CA GLY A 305 -10.77 19.30 -18.53
C GLY A 305 -10.75 20.21 -19.74
N ASP A 306 -11.85 20.90 -20.01
CA ASP A 306 -11.92 21.86 -21.12
C ASP A 306 -10.73 22.87 -21.18
N SER A 307 -10.03 22.90 -22.30
CA SER A 307 -8.82 23.73 -22.46
C SER A 307 -9.00 25.24 -22.40
N GLU A 308 -10.17 25.73 -22.81
CA GLU A 308 -10.43 27.17 -22.77
C GLU A 308 -10.67 27.58 -21.32
N LYS A 309 -11.46 26.76 -20.60
CA LYS A 309 -11.72 26.96 -19.18
C LYS A 309 -10.39 26.90 -18.39
N VAL A 310 -9.59 25.88 -18.69
CA VAL A 310 -8.25 25.75 -18.13
C VAL A 310 -7.35 26.94 -18.43
N ALA A 311 -7.44 27.43 -19.64
CA ALA A 311 -6.67 28.60 -20.03
C ALA A 311 -7.11 29.90 -19.31
N THR A 312 -8.43 30.04 -19.11
CA THR A 312 -9.01 31.19 -18.40
C THR A 312 -8.38 31.28 -16.99
N VAL A 313 -8.42 30.15 -16.27
CA VAL A 313 -7.91 30.07 -14.92
C VAL A 313 -6.45 30.54 -14.88
N ARG A 314 -5.69 30.10 -15.87
CA ARG A 314 -4.27 30.41 -15.95
C ARG A 314 -4.15 31.91 -16.03
N ARG A 315 -5.04 32.52 -16.80
CA ARG A 315 -5.04 33.95 -17.08
C ARG A 315 -5.43 34.76 -15.84
N LEU A 316 -6.41 34.24 -15.10
CA LEU A 316 -6.81 34.81 -13.81
C LEU A 316 -5.67 34.88 -12.82
N TYR A 317 -4.89 33.81 -12.73
CA TYR A 317 -3.67 33.79 -11.89
C TYR A 317 -2.61 34.83 -12.27
N GLU A 318 -2.40 35.02 -13.56
CA GLU A 318 -1.43 35.99 -14.09
C GLU A 318 -1.91 37.39 -13.80
N GLU A 319 -3.18 37.64 -14.17
CA GLU A 319 -3.87 38.90 -13.94
C GLU A 319 -3.84 39.34 -12.47
N ALA A 320 -3.88 38.37 -11.55
CA ALA A 320 -3.84 38.67 -10.12
C ALA A 320 -2.41 38.81 -9.58
N ASP A 321 -1.44 38.82 -10.47
CA ASP A 321 -0.04 38.99 -10.07
C ASP A 321 0.29 38.07 -8.89
N LEU A 322 0.07 36.77 -9.09
CA LEU A 322 0.50 35.80 -8.12
C LEU A 322 2.03 35.78 -8.04
N GLN A 323 2.69 36.23 -9.12
CA GLN A 323 4.15 36.22 -9.20
C GLN A 323 4.78 37.20 -8.21
N GLY A 324 4.04 38.21 -7.80
CA GLY A 324 4.52 39.08 -6.73
C GLY A 324 4.47 38.36 -5.41
N ASP A 325 3.37 37.65 -5.17
CA ASP A 325 3.14 36.89 -3.92
C ASP A 325 4.18 35.77 -3.73
N TYR A 326 4.56 35.14 -4.84
CA TYR A 326 5.53 34.04 -4.81
C TYR A 326 6.90 34.54 -4.34
N VAL A 327 7.38 35.59 -5.01
CA VAL A 327 8.68 36.22 -4.76
C VAL A 327 8.83 36.61 -3.29
N ALA A 328 7.76 37.15 -2.74
CA ALA A 328 7.71 37.54 -1.34
C ALA A 328 7.85 36.31 -0.46
N TYR A 329 7.02 35.31 -0.74
CA TYR A 329 6.99 34.08 0.05
C TYR A 329 8.37 33.45 0.08
N GLU A 330 8.95 33.36 -1.10
CA GLU A 330 10.25 32.76 -1.24
C GLU A 330 11.27 33.45 -0.36
N ALA A 331 11.22 34.79 -0.33
CA ALA A 331 12.15 35.60 0.42
C ALA A 331 12.00 35.33 1.89
N ALA A 332 10.76 35.31 2.33
CA ALA A 332 10.45 35.07 3.75
C ALA A 332 10.91 33.67 4.13
N VAL A 333 10.63 32.70 3.27
CA VAL A 333 11.07 31.34 3.51
C VAL A 333 12.59 31.31 3.56
N ALA A 334 13.21 31.83 2.52
CA ALA A 334 14.66 31.84 2.39
C ALA A 334 15.36 32.30 3.69
N GLU A 335 14.87 33.37 4.31
CA GLU A 335 15.61 33.88 5.43
C GLU A 335 15.23 33.15 6.71
N GLN A 336 13.96 32.78 6.83
CA GLN A 336 13.53 31.91 7.95
C GLN A 336 14.35 30.60 8.03
N VAL A 337 14.64 30.00 6.87
CA VAL A 337 15.56 28.85 6.77
C VAL A 337 16.99 29.19 7.19
N LYS A 338 17.53 30.28 6.62
CA LYS A 338 18.89 30.72 6.93
C LYS A 338 19.10 30.89 8.45
N GLU A 339 18.12 31.48 9.13
CA GLU A 339 18.21 31.63 10.57
C GLU A 339 18.39 30.25 11.18
N LEU A 340 17.51 29.32 10.81
CA LEU A 340 17.46 28.00 11.48
C LEU A 340 18.69 27.15 11.20
N ILE A 341 19.24 27.26 10.01
CA ILE A 341 20.47 26.54 9.72
C ILE A 341 21.57 26.97 10.69
N GLU A 342 21.67 28.26 10.94
CA GLU A 342 22.68 28.77 11.83
C GLU A 342 22.51 28.25 13.26
N LYS A 343 21.27 28.12 13.73
CA LYS A 343 21.02 27.49 15.05
C LYS A 343 21.57 26.07 15.05
N LEU A 344 21.43 25.41 13.92
CA LEU A 344 21.84 24.04 13.78
C LEU A 344 23.36 23.91 13.63
N ARG A 345 23.96 24.82 12.89
CA ARG A 345 25.41 24.84 12.71
C ARG A 345 26.16 24.90 14.02
N LEU A 346 25.56 25.57 15.01
CA LEU A 346 26.16 25.73 16.33
C LEU A 346 26.55 24.37 16.92
N CYS A 347 25.55 23.52 17.17
CA CYS A 347 25.85 22.22 17.77
C CYS A 347 26.26 21.15 16.76
N SER A 348 25.96 21.30 15.47
CA SER A 348 26.24 20.19 14.54
C SER A 348 26.61 20.53 13.10
N PRO A 349 27.69 21.32 12.96
CA PRO A 349 28.06 21.97 11.72
C PRO A 349 28.21 21.05 10.49
N GLY A 350 28.54 19.77 10.70
CA GLY A 350 28.61 18.81 9.60
C GLY A 350 27.22 18.58 9.01
N PHE A 351 26.27 18.31 9.89
CA PHE A 351 24.88 18.11 9.50
C PHE A 351 24.29 19.36 8.83
N ALA A 352 24.60 20.51 9.43
CA ALA A 352 24.08 21.80 8.95
C ALA A 352 24.56 22.09 7.54
N ALA A 353 25.77 21.66 7.23
CA ALA A 353 26.29 21.83 5.88
C ALA A 353 25.41 21.09 4.89
N SER A 354 25.07 19.83 5.19
CA SER A 354 24.33 18.98 4.25
C SER A 354 22.89 19.49 4.09
N VAL A 355 22.39 20.07 5.16
CA VAL A 355 21.11 20.73 5.11
C VAL A 355 21.16 21.94 4.18
N GLU A 356 22.26 22.70 4.19
CA GLU A 356 22.43 23.84 3.25
C GLU A 356 22.58 23.35 1.80
N THR A 357 23.26 22.24 1.61
CA THR A 357 23.40 21.68 0.29
C THR A 357 22.04 21.35 -0.27
N LEU A 358 21.23 20.79 0.61
CA LEU A 358 19.86 20.45 0.32
C LEU A 358 18.98 21.68 0.13
N TRP A 359 19.09 22.68 1.00
CA TRP A 359 18.38 23.93 0.67
C TRP A 359 18.81 24.44 -0.73
N GLY A 360 20.10 24.23 -1.04
CA GLY A 360 20.69 24.66 -2.31
C GLY A 360 20.08 24.01 -3.53
N LYS A 361 19.57 22.79 -3.37
CA LYS A 361 18.89 22.08 -4.46
C LYS A 361 17.39 22.35 -4.55
N THR A 362 16.88 23.15 -3.64
CA THR A 362 15.47 23.51 -3.61
C THR A 362 15.28 24.96 -4.04
N TYR A 363 15.94 25.86 -3.30
CA TYR A 363 15.84 27.30 -3.53
C TYR A 363 16.07 27.64 -4.99
N LYS A 364 15.03 28.18 -5.63
CA LYS A 364 15.05 28.58 -7.04
C LYS A 364 15.24 27.48 -8.03
N ARG A 365 14.89 26.25 -7.65
CA ARG A 365 14.93 25.15 -8.58
C ARG A 365 14.04 25.41 -9.80
N GLN A 366 14.53 24.96 -10.95
CA GLN A 366 13.80 25.00 -12.23
C GLN A 366 13.33 23.57 -12.58
N LYS A 367 14.10 22.57 -12.13
CA LYS A 367 13.78 21.13 -12.17
C LYS A 367 13.76 20.52 -13.57
N MET B 1 -16.85 -15.67 24.92
CA MET B 1 -15.83 -14.71 25.44
C MET B 1 -14.85 -14.17 24.36
N PRO B 2 -14.28 -15.05 23.52
CA PRO B 2 -13.23 -14.53 22.63
C PRO B 2 -13.60 -13.20 22.01
N MET B 3 -14.81 -13.13 21.50
CA MET B 3 -15.29 -11.98 20.77
C MET B 3 -15.51 -10.71 21.62
N GLN B 4 -15.87 -10.89 22.87
CA GLN B 4 -16.20 -9.73 23.68
C GLN B 4 -14.97 -8.84 23.83
N MET B 5 -13.85 -9.42 24.24
CA MET B 5 -12.64 -8.64 24.42
C MET B 5 -12.05 -8.19 23.09
N PHE B 6 -12.28 -8.95 22.02
CA PHE B 6 -11.76 -8.59 20.69
C PHE B 6 -12.31 -7.25 20.29
N MET B 7 -13.63 -7.12 20.39
CA MET B 7 -14.30 -5.85 20.11
C MET B 7 -13.94 -4.78 21.13
N GLN B 8 -13.64 -5.22 22.34
CA GLN B 8 -13.18 -4.29 23.37
C GLN B 8 -11.93 -3.59 22.87
N VAL B 9 -11.01 -4.37 22.33
CA VAL B 9 -9.76 -3.82 21.84
C VAL B 9 -9.95 -3.06 20.53
N TYR B 10 -10.85 -3.54 19.67
CA TYR B 10 -11.17 -2.76 18.48
C TYR B 10 -11.37 -1.28 18.84
N ASP B 11 -12.09 -1.06 19.94
CA ASP B 11 -12.41 0.31 20.39
C ASP B 11 -11.19 1.05 20.95
N GLU B 12 -10.37 0.35 21.74
CA GLU B 12 -9.11 0.95 22.15
C GLU B 12 -8.33 1.42 20.94
N ILE B 13 -8.17 0.49 20.01
CA ILE B 13 -7.40 0.72 18.82
C ILE B 13 -7.97 1.89 18.06
N GLN B 14 -9.27 1.82 17.80
CA GLN B 14 -9.92 2.82 17.00
C GLN B 14 -9.77 4.16 17.65
N MET B 15 -10.00 4.21 18.96
CA MET B 15 -9.83 5.43 19.74
C MET B 15 -8.40 5.97 19.62
N PHE B 16 -7.43 5.10 19.79
CA PHE B 16 -6.08 5.57 19.75
C PHE B 16 -5.79 6.24 18.37
N LEU B 17 -6.21 5.59 17.30
CA LEU B 17 -5.87 6.03 15.93
C LEU B 17 -6.50 7.33 15.56
N LEU B 18 -7.78 7.48 15.88
CA LEU B 18 -8.52 8.71 15.55
C LEU B 18 -8.08 9.91 16.41
N GLU B 19 -7.91 9.67 17.71
CA GLU B 19 -7.43 10.70 18.57
C GLU B 19 -6.04 11.16 18.09
N GLU B 20 -5.15 10.19 17.85
CA GLU B 20 -3.82 10.49 17.32
C GLU B 20 -3.89 11.34 16.06
N LEU B 21 -4.88 11.08 15.23
CA LEU B 21 -5.07 11.86 14.02
C LEU B 21 -5.43 13.29 14.33
N GLU B 22 -6.34 13.46 15.27
CA GLU B 22 -6.83 14.79 15.66
C GLU B 22 -5.74 15.60 16.34
N LEU B 23 -5.03 14.95 17.26
CA LEU B 23 -4.00 15.62 18.02
C LEU B 23 -2.75 15.90 17.19
N LYS B 24 -2.30 14.93 16.42
CA LYS B 24 -0.99 15.03 15.81
C LYS B 24 -0.94 15.25 14.31
N PHE B 25 -2.07 15.11 13.62
CA PHE B 25 -2.10 15.30 12.18
C PHE B 25 -3.05 16.41 11.81
N ASP B 26 -3.52 17.15 12.81
CA ASP B 26 -4.27 18.36 12.58
C ASP B 26 -5.62 18.04 11.95
N MET B 27 -6.18 16.91 12.35
CA MET B 27 -7.36 16.45 11.64
C MET B 27 -8.69 17.05 12.15
N ASP B 28 -9.46 17.55 11.21
CA ASP B 28 -10.74 18.15 11.51
C ASP B 28 -11.74 17.06 11.80
N PRO B 29 -12.83 17.41 12.50
CA PRO B 29 -13.74 16.34 12.93
C PRO B 29 -14.51 15.65 11.78
N ASN B 30 -14.69 16.33 10.65
CA ASN B 30 -15.33 15.67 9.49
C ASN B 30 -14.56 14.46 8.97
N ARG B 31 -13.29 14.69 8.67
CA ARG B 31 -12.45 13.64 8.17
C ARG B 31 -12.33 12.54 9.20
N VAL B 32 -12.19 12.92 10.46
CA VAL B 32 -12.19 11.92 11.54
C VAL B 32 -13.47 11.10 11.52
N ARG B 33 -14.61 11.76 11.35
CA ARG B 33 -15.87 11.01 11.26
C ARG B 33 -15.84 10.11 10.02
N TYR B 34 -15.40 10.65 8.88
CA TYR B 34 -15.26 9.87 7.66
C TYR B 34 -14.41 8.60 7.86
N LEU B 35 -13.30 8.73 8.57
CA LEU B 35 -12.39 7.63 8.66
C LEU B 35 -12.87 6.61 9.63
N ARG B 36 -13.66 7.05 10.60
CA ARG B 36 -14.33 6.10 11.46
C ARG B 36 -15.31 5.26 10.64
N LYS B 37 -16.04 5.87 9.73
CA LYS B 37 -17.01 5.09 8.97
C LYS B 37 -16.25 4.16 8.05
N MET B 38 -15.20 4.67 7.44
CA MET B 38 -14.34 3.81 6.61
C MET B 38 -13.75 2.64 7.41
N MET B 39 -13.27 2.88 8.61
CA MET B 39 -12.74 1.79 9.42
C MET B 39 -13.76 0.68 9.78
N ASP B 40 -14.88 1.10 10.35
CA ASP B 40 -16.01 0.20 10.68
C ASP B 40 -16.48 -0.57 9.43
N THR B 41 -16.65 0.14 8.29
CA THR B 41 -17.17 -0.51 7.06
C THR B 41 -16.17 -1.46 6.45
N THR B 42 -14.90 -1.09 6.48
CA THR B 42 -13.91 -1.94 5.85
C THR B 42 -13.43 -3.03 6.76
N CYS B 43 -13.50 -2.85 8.07
CA CYS B 43 -12.94 -3.85 9.01
C CYS B 43 -13.96 -4.72 9.74
N LEU B 44 -15.12 -4.15 10.05
CA LEU B 44 -16.20 -4.88 10.70
C LEU B 44 -17.13 -5.61 9.71
N GLY B 45 -17.80 -6.64 10.23
CA GLY B 45 -18.87 -7.33 9.50
C GLY B 45 -18.48 -8.62 8.85
N GLY B 46 -17.20 -8.95 8.93
CA GLY B 46 -16.73 -10.26 8.51
C GLY B 46 -16.91 -11.22 9.66
N LYS B 47 -16.30 -12.38 9.55
CA LYS B 47 -16.38 -13.35 10.65
C LYS B 47 -15.16 -13.31 11.58
N TYR B 48 -14.19 -12.47 11.25
CA TYR B 48 -13.00 -12.35 12.04
C TYR B 48 -12.20 -13.65 12.21
N ASN B 49 -12.24 -14.53 11.23
CA ASN B 49 -11.52 -15.79 11.35
C ASN B 49 -10.02 -15.64 11.61
N ARG B 50 -9.37 -14.67 10.98
CA ARG B 50 -7.92 -14.58 11.10
C ARG B 50 -7.54 -14.03 12.47
N GLY B 51 -8.26 -13.01 12.92
CA GLY B 51 -7.97 -12.40 14.19
C GLY B 51 -8.24 -13.33 15.34
N LEU B 52 -9.37 -14.03 15.28
CA LEU B 52 -9.75 -14.95 16.32
C LEU B 52 -8.75 -16.08 16.41
N THR B 53 -8.27 -16.53 15.29
CA THR B 53 -7.31 -17.59 15.32
C THR B 53 -6.13 -17.22 16.19
N VAL B 54 -5.64 -15.97 16.05
CA VAL B 54 -4.51 -15.46 16.86
C VAL B 54 -4.78 -15.61 18.36
N ILE B 55 -5.95 -15.16 18.78
CA ILE B 55 -6.32 -15.26 20.17
C ILE B 55 -6.39 -16.70 20.60
N ASP B 56 -7.04 -17.50 19.76
CA ASP B 56 -7.20 -18.87 20.09
C ASP B 56 -5.82 -19.51 20.34
N VAL B 57 -4.87 -19.23 19.44
CA VAL B 57 -3.53 -19.76 19.60
C VAL B 57 -2.90 -19.30 20.90
N ALA B 58 -3.15 -18.04 21.26
CA ALA B 58 -2.51 -17.48 22.44
C ALA B 58 -3.03 -18.23 23.64
N GLU B 59 -4.34 -18.18 23.83
CA GLU B 59 -5.02 -19.03 24.80
C GLU B 59 -4.44 -20.45 24.89
N SER B 60 -4.55 -21.21 23.81
CA SER B 60 -4.18 -22.60 23.86
C SER B 60 -2.75 -22.82 24.36
N LEU B 61 -1.85 -21.91 24.05
CA LEU B 61 -0.48 -22.12 24.46
C LEU B 61 -0.16 -21.62 25.88
N LEU B 62 -0.98 -20.80 26.51
CA LEU B 62 -0.53 -20.36 27.83
C LEU B 62 -0.67 -21.47 28.91
N SER B 63 -0.84 -22.73 28.46
CA SER B 63 -0.56 -23.92 29.29
C SER B 63 0.93 -24.29 29.32
N ASP B 74 -0.10 -13.78 39.25
CA ASP B 74 0.53 -13.73 37.92
C ASP B 74 -0.40 -14.13 36.73
N GLY B 75 -1.69 -13.82 36.86
CA GLY B 75 -2.57 -13.77 35.71
C GLY B 75 -2.30 -12.48 34.96
N ALA B 76 -1.20 -11.81 35.28
CA ALA B 76 -0.81 -10.58 34.61
C ALA B 76 -0.22 -10.88 33.24
N ARG B 77 0.60 -11.92 33.15
CA ARG B 77 1.05 -12.43 31.85
C ARG B 77 -0.15 -12.82 30.96
N ARG B 78 -1.04 -13.63 31.50
CA ARG B 78 -2.26 -13.98 30.81
C ARG B 78 -2.89 -12.74 30.15
N LYS B 79 -3.03 -11.66 30.92
CA LYS B 79 -3.67 -10.45 30.40
C LYS B 79 -2.86 -9.81 29.29
N ARG B 80 -1.54 -9.78 29.47
CA ARG B 80 -0.62 -9.20 28.51
C ARG B 80 -0.66 -10.00 27.20
N VAL B 81 -0.51 -11.33 27.32
CA VAL B 81 -0.52 -12.19 26.16
C VAL B 81 -1.87 -12.07 25.43
N LEU B 82 -2.96 -12.16 26.16
CA LEU B 82 -4.26 -12.09 25.50
C LEU B 82 -4.49 -10.75 24.82
N HIS B 83 -4.06 -9.65 25.44
CA HIS B 83 -4.26 -8.32 24.83
C HIS B 83 -3.43 -8.10 23.53
N ASP B 84 -2.16 -8.49 23.59
CA ASP B 84 -1.28 -8.53 22.46
C ASP B 84 -1.88 -9.36 21.32
N ALA B 85 -2.42 -10.51 21.68
CA ALA B 85 -3.01 -11.40 20.69
C ALA B 85 -4.14 -10.66 19.98
N CYS B 86 -5.00 -10.00 20.75
CA CYS B 86 -6.06 -9.21 20.16
C CYS B 86 -5.50 -8.15 19.22
N VAL B 87 -4.42 -7.50 19.63
CA VAL B 87 -3.88 -6.40 18.82
C VAL B 87 -3.40 -6.99 17.49
N CYS B 88 -2.66 -8.10 17.54
CA CYS B 88 -2.23 -8.79 16.31
C CYS B 88 -3.44 -9.21 15.49
N GLY B 89 -4.46 -9.64 16.19
CA GLY B 89 -5.68 -10.02 15.59
C GLY B 89 -6.23 -8.97 14.70
N TRP B 90 -6.23 -7.72 15.17
CA TRP B 90 -6.68 -6.63 14.35
C TRP B 90 -5.65 -6.20 13.31
N MET B 91 -4.35 -6.43 13.58
CA MET B 91 -3.37 -6.14 12.55
C MET B 91 -3.73 -6.95 11.31
N ILE B 92 -4.05 -8.24 11.50
CA ILE B 92 -4.41 -9.06 10.36
C ILE B 92 -5.73 -8.64 9.77
N GLU B 93 -6.71 -8.35 10.61
CA GLU B 93 -8.01 -7.96 10.07
C GLU B 93 -7.93 -6.64 9.27
N PHE B 94 -7.07 -5.71 9.70
CA PHE B 94 -6.91 -4.42 9.02
C PHE B 94 -6.13 -4.62 7.75
N LEU B 95 -5.17 -5.54 7.82
CA LEU B 95 -4.45 -6.01 6.66
C LEU B 95 -5.40 -6.60 5.62
N GLN B 96 -6.17 -7.62 6.02
CA GLN B 96 -7.28 -8.15 5.22
C GLN B 96 -8.13 -7.00 4.64
N ALA B 97 -8.52 -6.06 5.48
CA ALA B 97 -9.40 -5.02 5.03
C ALA B 97 -8.79 -4.23 3.88
N HIS B 98 -7.50 -3.95 4.02
CA HIS B 98 -6.72 -3.22 3.05
C HIS B 98 -6.73 -3.90 1.71
N TYR B 99 -6.43 -5.20 1.73
CA TYR B 99 -6.44 -6.03 0.55
C TYR B 99 -7.80 -6.02 -0.12
N LEU B 100 -8.83 -6.24 0.67
CA LEU B 100 -10.15 -6.33 0.14
C LEU B 100 -10.54 -5.03 -0.52
N VAL B 101 -10.15 -3.91 0.08
CA VAL B 101 -10.48 -2.60 -0.53
C VAL B 101 -9.86 -2.53 -1.93
N GLU B 102 -8.57 -2.84 -2.01
CA GLU B 102 -7.86 -2.81 -3.28
C GLU B 102 -8.33 -3.91 -4.25
N ASP B 103 -8.58 -5.12 -3.75
CA ASP B 103 -8.95 -6.27 -4.55
C ASP B 103 -10.24 -5.98 -5.25
N ASP B 104 -11.21 -5.44 -4.53
CA ASP B 104 -12.51 -5.15 -5.14
C ASP B 104 -12.42 -4.21 -6.31
N ILE B 105 -11.51 -3.26 -6.21
CA ILE B 105 -11.26 -2.35 -7.32
C ILE B 105 -10.63 -3.15 -8.45
N MET B 106 -9.57 -3.87 -8.12
CA MET B 106 -8.93 -4.69 -9.14
C MET B 106 -9.84 -5.79 -9.77
N ASP B 107 -10.78 -6.34 -9.02
CA ASP B 107 -11.63 -7.46 -9.46
C ASP B 107 -12.94 -6.88 -9.98
N ASN B 108 -13.06 -5.55 -9.91
CA ASN B 108 -14.25 -4.86 -10.36
C ASN B 108 -15.51 -5.40 -9.73
N SER B 109 -15.45 -5.63 -8.43
CA SER B 109 -16.59 -6.16 -7.72
C SER B 109 -17.62 -5.11 -7.39
N VAL B 110 -18.82 -5.56 -7.05
CA VAL B 110 -19.95 -4.69 -6.81
C VAL B 110 -20.23 -4.58 -5.31
N THR B 111 -20.09 -5.67 -4.61
CA THR B 111 -20.71 -5.80 -3.33
C THR B 111 -19.78 -6.61 -2.42
N ARG B 112 -19.89 -6.42 -1.13
CA ARG B 112 -19.00 -7.07 -0.17
C ARG B 112 -19.59 -7.03 1.24
N ARG B 113 -19.64 -8.19 1.91
CA ARG B 113 -20.22 -8.32 3.24
C ARG B 113 -21.63 -7.76 3.28
N GLY B 114 -22.38 -8.04 2.24
CA GLY B 114 -23.77 -7.65 2.18
C GLY B 114 -24.04 -6.22 1.77
N LYS B 115 -23.02 -5.50 1.36
CA LYS B 115 -23.18 -4.09 1.03
C LYS B 115 -22.18 -3.68 -0.05
N PRO B 116 -22.32 -2.46 -0.60
CA PRO B 116 -21.46 -2.10 -1.73
C PRO B 116 -19.97 -2.05 -1.42
N CYS B 117 -19.13 -2.44 -2.37
CA CYS B 117 -17.68 -2.33 -2.21
C CYS B 117 -17.32 -0.89 -1.80
N TRP B 118 -16.37 -0.73 -0.89
CA TRP B 118 -15.96 0.62 -0.46
C TRP B 118 -15.82 1.62 -1.60
N TYR B 119 -15.18 1.21 -2.70
CA TYR B 119 -15.05 2.07 -3.87
C TYR B 119 -16.40 2.39 -4.53
N ARG B 120 -17.41 1.63 -4.20
CA ARG B 120 -18.71 1.78 -4.78
C ARG B 120 -19.64 2.54 -3.87
N HIS B 121 -19.22 2.87 -2.66
CA HIS B 121 -20.04 3.72 -1.79
C HIS B 121 -20.26 5.04 -2.49
N PRO B 122 -21.51 5.55 -2.47
CA PRO B 122 -21.90 6.76 -3.23
C PRO B 122 -21.04 8.00 -2.94
N ASP B 123 -20.55 8.14 -1.73
CA ASP B 123 -19.68 9.28 -1.41
C ASP B 123 -18.19 8.95 -1.35
N VAL B 124 -17.78 7.91 -2.10
CA VAL B 124 -16.39 7.49 -2.08
C VAL B 124 -15.94 7.47 -3.54
N THR B 125 -15.00 8.35 -3.84
CA THR B 125 -14.41 8.39 -5.16
C THR B 125 -13.42 7.24 -5.26
N VAL B 126 -13.15 6.82 -6.49
CA VAL B 126 -12.22 5.71 -6.69
C VAL B 126 -10.81 6.08 -6.20
N GLN B 127 -10.34 7.27 -6.50
CA GLN B 127 -9.04 7.70 -5.99
C GLN B 127 -8.98 7.72 -4.46
N CYS B 128 -10.06 8.08 -3.80
CA CYS B 128 -10.00 8.15 -2.35
C CYS B 128 -10.05 6.72 -1.80
N ALA B 129 -10.72 5.82 -2.50
CA ALA B 129 -10.76 4.43 -2.02
C ALA B 129 -9.37 3.83 -2.06
N ILE B 130 -8.61 4.17 -3.11
CA ILE B 130 -7.30 3.58 -3.26
C ILE B 130 -6.46 3.92 -2.06
N ASN B 131 -6.54 5.20 -1.67
CA ASN B 131 -5.76 5.75 -0.58
C ASN B 131 -6.28 5.30 0.77
N ASP B 132 -7.60 5.27 0.93
CA ASP B 132 -8.22 4.69 2.11
C ASP B 132 -7.67 3.27 2.33
N GLY B 133 -7.51 2.50 1.25
CA GLY B 133 -6.89 1.19 1.31
C GLY B 133 -5.49 1.24 1.90
N LEU B 134 -4.75 2.29 1.57
CA LEU B 134 -3.39 2.46 2.08
C LEU B 134 -3.31 2.90 3.55
N LEU B 135 -4.22 3.78 3.98
CA LEU B 135 -4.30 4.18 5.38
C LEU B 135 -4.48 2.94 6.22
N LEU B 136 -5.37 2.08 5.74
CA LEU B 136 -5.65 0.77 6.35
C LEU B 136 -4.41 -0.05 6.60
N LYS B 137 -3.55 -0.13 5.61
CA LYS B 137 -2.31 -0.85 5.79
C LYS B 137 -1.40 -0.14 6.80
N SER B 138 -1.36 1.18 6.72
CA SER B 138 -0.51 1.91 7.65
C SER B 138 -0.93 1.69 9.08
N TRP B 139 -2.24 1.74 9.31
CA TRP B 139 -2.77 1.48 10.63
C TRP B 139 -2.25 0.17 11.23
N THR B 140 -2.15 -0.90 10.43
CA THR B 140 -1.53 -2.12 10.99
C THR B 140 -0.17 -1.82 11.63
N HIS B 141 0.62 -0.93 11.03
CA HIS B 141 1.94 -0.60 11.57
C HIS B 141 1.82 0.29 12.76
N MET B 142 0.84 1.19 12.67
CA MET B 142 0.68 2.19 13.71
C MET B 142 0.26 1.54 14.99
N MET B 143 -0.68 0.60 14.91
CA MET B 143 -1.15 -0.06 16.12
C MET B 143 -0.03 -0.89 16.66
N ALA B 144 0.75 -1.50 15.79
CA ALA B 144 1.82 -2.35 16.27
C ALA B 144 2.85 -1.54 17.03
N MET B 145 3.21 -0.38 16.47
CA MET B 145 4.29 0.41 17.05
C MET B 145 3.85 0.95 18.41
N HIS B 146 2.62 1.44 18.49
CA HIS B 146 2.08 1.90 19.72
C HIS B 146 2.06 0.82 20.80
N PHE B 147 1.27 -0.21 20.59
CA PHE B 147 1.05 -1.21 21.59
C PHE B 147 2.26 -2.08 21.89
N PHE B 148 3.13 -2.29 20.92
CA PHE B 148 4.26 -3.18 21.13
C PHE B 148 5.56 -2.45 21.26
N ALA B 149 5.49 -1.11 21.32
CA ALA B 149 6.70 -0.26 21.53
C ALA B 149 7.81 -0.92 22.39
N ASP B 150 7.41 -1.49 23.54
CA ASP B 150 8.39 -1.92 24.57
C ASP B 150 8.46 -3.40 24.72
N ARG B 151 8.28 -4.06 23.60
CA ARG B 151 8.10 -5.48 23.55
C ARG B 151 9.30 -6.01 22.80
N PRO B 152 10.04 -6.95 23.39
CA PRO B 152 11.23 -7.46 22.72
C PRO B 152 10.97 -8.18 21.37
N PHE B 153 9.71 -8.36 20.98
CA PHE B 153 9.41 -9.15 19.77
C PHE B 153 8.95 -8.29 18.58
N LEU B 154 8.83 -6.98 18.77
CA LEU B 154 8.32 -6.09 17.76
C LEU B 154 9.11 -6.19 16.47
N GLN B 155 10.43 -6.29 16.54
CA GLN B 155 11.23 -6.37 15.34
C GLN B 155 10.88 -7.60 14.48
N ASP B 156 10.92 -8.77 15.12
CA ASP B 156 10.64 -10.04 14.49
C ASP B 156 9.22 -10.10 13.96
N LEU B 157 8.29 -9.60 14.77
CA LEU B 157 6.89 -9.47 14.40
C LEU B 157 6.74 -8.71 13.11
N LEU B 158 7.38 -7.55 13.06
CA LEU B 158 7.22 -6.63 11.94
C LEU B 158 7.82 -7.17 10.67
N CYS B 159 8.94 -7.87 10.78
CA CYS B 159 9.59 -8.48 9.65
C CYS B 159 8.65 -9.50 9.04
N ARG B 160 8.24 -10.47 9.85
CA ARG B 160 7.42 -11.57 9.41
C ARG B 160 6.20 -11.04 8.75
N PHE B 161 5.60 -10.06 9.40
CA PHE B 161 4.41 -9.43 8.89
C PHE B 161 4.64 -8.78 7.50
N ASN B 162 5.76 -8.09 7.31
CA ASN B 162 6.11 -7.52 6.02
C ASN B 162 6.40 -8.61 4.98
N ARG B 163 6.99 -9.71 5.43
CA ARG B 163 7.24 -10.78 4.50
C ARG B 163 5.90 -11.26 3.93
N VAL B 164 4.94 -11.49 4.80
CA VAL B 164 3.66 -12.09 4.35
C VAL B 164 2.95 -11.14 3.40
N ASP B 165 2.94 -9.90 3.81
CA ASP B 165 2.32 -8.87 3.02
C ASP B 165 2.87 -8.79 1.61
N TYR B 166 4.19 -8.68 1.51
CA TYR B 166 4.87 -8.79 0.25
C TYR B 166 4.40 -10.02 -0.54
N THR B 167 4.43 -11.16 0.14
CA THR B 167 4.07 -12.42 -0.54
C THR B 167 2.64 -12.32 -1.08
N THR B 168 1.75 -11.74 -0.29
CA THR B 168 0.40 -11.54 -0.73
C THR B 168 0.36 -10.67 -2.00
N ALA B 169 1.07 -9.55 -1.98
CA ALA B 169 1.19 -8.70 -3.15
C ALA B 169 1.67 -9.46 -4.40
N VAL B 170 2.65 -10.32 -4.17
CA VAL B 170 3.18 -11.16 -5.23
C VAL B 170 2.14 -12.13 -5.74
N GLY B 171 1.47 -12.78 -4.81
CA GLY B 171 0.33 -13.62 -5.17
C GLY B 171 -0.71 -12.86 -5.98
N GLN B 172 -0.92 -11.58 -5.66
CA GLN B 172 -1.92 -10.87 -6.41
C GLN B 172 -1.51 -10.60 -7.83
N LEU B 173 -0.22 -10.40 -8.06
CA LEU B 173 0.32 -10.29 -9.40
C LEU B 173 -0.01 -11.56 -10.19
N TYR B 174 0.16 -12.70 -9.55
CA TYR B 174 -0.12 -13.97 -10.21
C TYR B 174 -1.59 -13.98 -10.63
N ASP B 175 -2.46 -13.58 -9.72
CA ASP B 175 -3.89 -13.57 -9.98
C ASP B 175 -4.26 -12.62 -11.09
N VAL B 176 -3.74 -11.41 -10.99
CA VAL B 176 -4.17 -10.32 -11.83
C VAL B 176 -3.63 -10.43 -13.29
N THR B 177 -2.63 -11.28 -13.48
CA THR B 177 -2.05 -11.57 -14.77
C THR B 177 -2.27 -13.03 -15.21
N SER B 178 -3.07 -13.77 -14.48
CA SER B 178 -3.32 -15.15 -14.81
C SER B 178 -4.00 -15.36 -16.19
N MET B 179 -4.62 -14.32 -16.75
CA MET B 179 -5.39 -14.41 -18.04
C MET B 179 -4.63 -13.89 -19.25
N PHE B 180 -3.47 -13.32 -19.03
CA PHE B 180 -2.63 -12.95 -20.14
C PHE B 180 -1.58 -14.03 -20.38
N ASP B 181 -1.24 -14.19 -21.65
CA ASP B 181 -0.11 -15.01 -22.08
C ASP B 181 1.18 -14.41 -21.52
N SER B 182 1.79 -15.08 -20.55
CA SER B 182 2.97 -14.54 -19.91
C SER B 182 4.09 -14.22 -20.86
N ASN B 183 4.20 -14.97 -21.96
CA ASN B 183 5.27 -14.74 -22.93
C ASN B 183 5.18 -13.38 -23.63
N LYS B 184 3.97 -12.86 -23.71
CA LYS B 184 3.71 -11.55 -24.35
C LYS B 184 3.45 -10.47 -23.31
N LEU B 185 4.08 -10.59 -22.15
CA LEU B 185 3.77 -9.71 -21.02
C LEU B 185 4.84 -8.63 -20.98
N ASP B 186 4.49 -7.48 -21.52
CA ASP B 186 5.46 -6.41 -21.70
C ASP B 186 4.71 -5.10 -21.50
N PRO B 187 5.14 -4.25 -20.54
CA PRO B 187 4.50 -2.95 -20.28
C PRO B 187 4.26 -2.07 -21.53
N ASP B 188 5.24 -2.07 -22.43
CA ASP B 188 5.16 -1.21 -23.62
C ASP B 188 4.13 -1.67 -24.66
N VAL B 189 3.67 -2.90 -24.60
CA VAL B 189 2.84 -3.44 -25.68
C VAL B 189 1.49 -3.94 -25.22
N SER B 190 0.41 -3.32 -25.70
CA SER B 190 -0.95 -3.78 -25.36
C SER B 190 -1.17 -5.24 -25.71
N GLN B 191 -2.13 -5.91 -25.06
CA GLN B 191 -2.38 -7.34 -25.32
C GLN B 191 -3.77 -7.77 -24.86
N PRO B 192 -4.46 -8.62 -25.64
CA PRO B 192 -5.77 -9.02 -25.14
C PRO B 192 -5.64 -10.26 -24.26
N THR B 193 -6.73 -10.57 -23.57
CA THR B 193 -6.89 -11.78 -22.80
C THR B 193 -6.49 -12.99 -23.65
N THR B 194 -5.86 -13.97 -23.00
CA THR B 194 -5.53 -15.26 -23.64
C THR B 194 -6.73 -15.88 -24.32
N THR B 195 -6.47 -16.42 -25.49
CA THR B 195 -7.49 -17.08 -26.29
C THR B 195 -7.29 -18.60 -26.22
N ASP B 196 -6.06 -19.05 -25.94
CA ASP B 196 -5.72 -20.47 -25.81
C ASP B 196 -5.71 -21.02 -24.37
N PHE B 197 -5.56 -20.14 -23.36
CA PHE B 197 -5.60 -20.50 -21.93
C PHE B 197 -4.54 -21.49 -21.48
N ALA B 198 -3.40 -21.48 -22.14
CA ALA B 198 -2.36 -22.50 -21.87
C ALA B 198 -1.78 -22.42 -20.47
N GLU B 199 -2.01 -21.29 -19.79
CA GLU B 199 -1.54 -21.05 -18.43
C GLU B 199 -2.55 -21.50 -17.36
N PHE B 200 -3.75 -21.92 -17.75
CA PHE B 200 -4.79 -22.31 -16.77
C PHE B 200 -4.58 -23.71 -16.34
N THR B 201 -3.53 -23.91 -15.56
CA THR B 201 -3.12 -25.24 -15.18
C THR B 201 -3.14 -25.26 -13.68
N LEU B 202 -3.24 -26.45 -13.13
CA LEU B 202 -3.32 -26.60 -11.70
C LEU B 202 -2.06 -26.07 -11.05
N SER B 203 -0.96 -26.24 -11.77
CA SER B 203 0.33 -25.85 -11.28
C SER B 203 0.29 -24.33 -11.00
N ASN B 204 -0.01 -23.56 -12.04
CA ASN B 204 -0.17 -22.14 -11.91
C ASN B 204 -1.27 -21.82 -10.90
N TYR B 205 -2.38 -22.55 -10.91
CA TYR B 205 -3.43 -22.29 -9.90
C TYR B 205 -2.91 -22.37 -8.48
N LYS B 206 -2.11 -23.37 -8.20
CA LYS B 206 -1.61 -23.61 -6.86
C LYS B 206 -0.70 -22.50 -6.44
N ARG B 207 0.02 -21.94 -7.38
CA ARG B 207 0.98 -20.87 -7.08
C ARG B 207 0.25 -19.60 -6.64
N ILE B 208 -0.68 -19.14 -7.50
CA ILE B 208 -1.56 -18.02 -7.16
C ILE B 208 -2.08 -18.06 -5.73
N VAL B 209 -2.57 -19.20 -5.37
CA VAL B 209 -3.35 -19.35 -4.16
C VAL B 209 -2.48 -19.46 -2.92
N LYS B 210 -1.36 -20.16 -3.07
CA LYS B 210 -0.36 -20.31 -2.03
C LYS B 210 0.05 -18.92 -1.55
N TYR B 211 0.35 -18.06 -2.51
CA TYR B 211 0.88 -16.75 -2.24
C TYR B 211 -0.20 -15.68 -1.99
N LYS B 212 -1.23 -15.62 -2.81
CA LYS B 212 -2.29 -14.62 -2.57
C LYS B 212 -3.11 -14.89 -1.31
N THR B 213 -3.20 -16.15 -0.85
CA THR B 213 -4.11 -16.47 0.25
C THR B 213 -3.60 -17.34 1.42
N ALA B 214 -2.70 -18.27 1.18
CA ALA B 214 -2.37 -19.23 2.21
C ALA B 214 -1.54 -18.55 3.28
N TYR B 215 -0.57 -17.77 2.86
CA TYR B 215 0.30 -17.14 3.84
C TYR B 215 -0.42 -16.26 4.81
N TYR B 216 -1.08 -15.22 4.31
CA TYR B 216 -1.74 -14.26 5.21
C TYR B 216 -3.01 -14.76 5.92
N THR B 217 -3.63 -15.78 5.36
CA THR B 217 -4.87 -16.29 5.92
C THR B 217 -4.63 -17.44 6.89
N TYR B 218 -3.63 -18.25 6.63
CA TYR B 218 -3.39 -19.43 7.48
C TYR B 218 -2.10 -19.38 8.26
N LEU B 219 -0.99 -19.06 7.62
CA LEU B 219 0.28 -19.12 8.35
C LEU B 219 0.44 -17.94 9.30
N LEU B 220 0.13 -16.76 8.80
CA LEU B 220 0.42 -15.55 9.51
C LEU B 220 -0.26 -15.52 10.88
N PRO B 221 -1.59 -15.74 10.96
CA PRO B 221 -2.29 -15.74 12.27
C PRO B 221 -1.76 -16.82 13.25
N LEU B 222 -1.42 -17.99 12.74
CA LEU B 222 -0.75 -18.98 13.59
C LEU B 222 0.56 -18.46 14.18
N VAL B 223 1.38 -17.90 13.32
CA VAL B 223 2.63 -17.32 13.70
C VAL B 223 2.46 -16.19 14.71
N MET B 224 1.55 -15.27 14.47
CA MET B 224 1.41 -14.15 15.37
C MET B 224 0.94 -14.56 16.76
N GLY B 225 0.14 -15.63 16.81
CA GLY B 225 -0.32 -16.19 18.07
C GLY B 225 0.86 -16.76 18.83
N LEU B 226 1.72 -17.49 18.13
CA LEU B 226 2.95 -18.02 18.72
C LEU B 226 3.89 -16.92 19.19
N ILE B 227 3.99 -15.85 18.43
CA ILE B 227 4.90 -14.78 18.75
C ILE B 227 4.47 -14.10 20.05
N VAL B 228 3.19 -13.71 20.16
CA VAL B 228 2.76 -12.93 21.32
C VAL B 228 2.85 -13.77 22.58
N SER B 229 2.88 -15.08 22.39
CA SER B 229 2.97 -16.05 23.44
C SER B 229 4.38 -16.54 23.71
N GLU B 230 5.35 -16.01 22.98
CA GLU B 230 6.74 -16.40 23.15
C GLU B 230 6.98 -17.90 22.98
N ALA B 231 6.24 -18.51 22.05
CA ALA B 231 6.33 -19.96 21.78
C ALA B 231 6.71 -20.35 20.33
N LEU B 232 7.06 -19.38 19.51
CA LEU B 232 7.45 -19.63 18.12
C LEU B 232 8.37 -20.84 17.95
N PRO B 233 9.46 -20.91 18.75
CA PRO B 233 10.34 -22.07 18.57
C PRO B 233 9.79 -23.42 18.99
N THR B 234 8.66 -23.48 19.69
CA THR B 234 8.19 -24.74 20.23
C THR B 234 7.46 -25.65 19.24
N VAL B 235 7.17 -25.18 18.03
CA VAL B 235 6.42 -26.02 17.08
C VAL B 235 7.28 -26.37 15.88
N ASP B 236 6.97 -27.52 15.29
CA ASP B 236 7.55 -27.87 14.02
C ASP B 236 7.02 -26.90 12.94
N MET B 237 7.89 -26.03 12.47
CA MET B 237 7.48 -24.97 11.60
C MET B 237 7.32 -25.55 10.20
N GLY B 238 8.15 -26.50 9.87
CA GLY B 238 8.05 -27.13 8.58
C GLY B 238 6.72 -27.81 8.44
N VAL B 239 6.24 -28.40 9.53
CA VAL B 239 4.93 -29.08 9.53
C VAL B 239 3.81 -28.06 9.62
N THR B 240 4.02 -27.02 10.43
CA THR B 240 3.10 -25.90 10.53
C THR B 240 2.90 -25.22 9.18
N GLU B 241 3.96 -25.12 8.42
CA GLU B 241 3.91 -24.44 7.14
C GLU B 241 3.15 -25.31 6.11
N GLU B 242 3.39 -26.63 6.11
CA GLU B 242 2.59 -27.52 5.26
C GLU B 242 1.10 -27.44 5.62
N LEU B 243 0.79 -27.38 6.90
CA LEU B 243 -0.62 -27.33 7.29
C LEU B 243 -1.26 -26.12 6.62
N ALA B 244 -0.62 -24.95 6.85
CA ALA B 244 -1.08 -23.68 6.31
C ALA B 244 -1.19 -23.65 4.80
N MET B 245 -0.23 -24.24 4.11
CA MET B 245 -0.27 -24.27 2.65
C MET B 245 -1.46 -25.07 2.16
N LEU B 246 -1.72 -26.18 2.81
CA LEU B 246 -2.81 -27.07 2.46
C LEU B 246 -4.18 -26.48 2.78
N MET B 247 -4.31 -26.03 4.02
CA MET B 247 -5.55 -25.47 4.47
C MET B 247 -5.92 -24.23 3.66
N GLY B 248 -4.94 -23.37 3.41
CA GLY B 248 -5.17 -22.17 2.61
C GLY B 248 -5.54 -22.44 1.16
N GLU B 249 -4.93 -23.46 0.55
CA GLU B 249 -5.31 -23.78 -0.82
C GLU B 249 -6.76 -24.21 -0.87
N TYR B 250 -7.13 -25.11 0.03
CA TYR B 250 -8.49 -25.62 0.08
C TYR B 250 -9.48 -24.47 0.28
N PHE B 251 -9.19 -23.58 1.22
CA PHE B 251 -9.99 -22.37 1.47
C PHE B 251 -10.19 -21.51 0.22
N GLN B 252 -9.13 -21.33 -0.54
CA GLN B 252 -9.26 -20.52 -1.74
C GLN B 252 -10.11 -21.23 -2.75
N VAL B 253 -9.93 -22.55 -2.84
CA VAL B 253 -10.73 -23.39 -3.73
C VAL B 253 -12.21 -23.29 -3.36
N GLN B 254 -12.49 -23.33 -2.07
CA GLN B 254 -13.83 -23.14 -1.56
C GLN B 254 -14.38 -21.77 -2.01
N ASP B 255 -13.54 -20.72 -1.89
CA ASP B 255 -13.92 -19.38 -2.28
C ASP B 255 -14.29 -19.36 -3.77
N ASP B 256 -13.45 -19.96 -4.60
CA ASP B 256 -13.70 -20.05 -6.04
C ASP B 256 -15.01 -20.74 -6.43
N VAL B 257 -15.34 -21.83 -5.72
CA VAL B 257 -16.57 -22.59 -5.93
C VAL B 257 -17.79 -21.74 -5.57
N MET B 258 -17.72 -21.15 -4.38
CA MET B 258 -18.77 -20.27 -3.88
C MET B 258 -18.95 -19.08 -4.81
N ASP B 259 -17.86 -18.56 -5.33
CA ASP B 259 -17.96 -17.45 -6.25
C ASP B 259 -18.94 -17.82 -7.32
N CYS B 260 -18.87 -19.05 -7.80
CA CYS B 260 -19.70 -19.49 -8.87
C CYS B 260 -21.09 -19.97 -8.43
N PHE B 261 -21.18 -20.76 -7.38
CA PHE B 261 -22.38 -21.56 -7.18
C PHE B 261 -23.21 -21.27 -5.96
N THR B 262 -22.67 -20.46 -5.07
CA THR B 262 -23.43 -20.03 -3.92
C THR B 262 -24.17 -18.75 -4.29
N PRO B 263 -25.48 -18.63 -3.94
CA PRO B 263 -26.24 -17.40 -4.21
C PRO B 263 -25.68 -16.22 -3.41
N PRO B 264 -25.54 -15.04 -4.03
CA PRO B 264 -24.82 -13.91 -3.39
C PRO B 264 -25.33 -13.55 -2.00
N GLU B 265 -26.61 -13.81 -1.72
CA GLU B 265 -27.21 -13.41 -0.46
C GLU B 265 -26.60 -14.16 0.71
N ARG B 266 -26.24 -15.42 0.49
CA ARG B 266 -25.59 -16.18 1.54
C ARG B 266 -24.16 -15.67 1.64
N LEU B 267 -23.54 -15.42 0.50
CA LEU B 267 -22.10 -15.16 0.43
C LEU B 267 -21.72 -13.72 0.82
N GLY B 268 -22.64 -12.78 0.61
CA GLY B 268 -22.40 -11.38 0.92
C GLY B 268 -22.04 -10.61 -0.35
N LYS B 269 -21.61 -11.31 -1.38
CA LYS B 269 -20.99 -10.66 -2.53
C LYS B 269 -21.39 -11.37 -3.81
N VAL B 270 -21.42 -10.59 -4.91
CA VAL B 270 -21.69 -11.11 -6.25
C VAL B 270 -20.34 -11.52 -6.85
N GLY B 271 -20.29 -12.72 -7.45
CA GLY B 271 -19.06 -13.34 -8.00
C GLY B 271 -18.64 -12.75 -9.33
N THR B 272 -17.33 -12.55 -9.49
CA THR B 272 -16.82 -11.94 -10.72
C THR B 272 -15.75 -12.80 -11.44
N ASP B 273 -15.52 -14.01 -10.96
CA ASP B 273 -14.37 -14.77 -11.41
C ASP B 273 -14.54 -15.16 -12.90
N ILE B 274 -15.77 -15.39 -13.33
CA ILE B 274 -16.03 -15.79 -14.73
C ILE B 274 -15.87 -14.55 -15.65
N GLN B 275 -16.65 -13.52 -15.32
CA GLN B 275 -16.58 -12.20 -15.96
C GLN B 275 -15.16 -11.69 -16.13
N ASP B 276 -14.34 -11.79 -15.07
CA ASP B 276 -12.93 -11.28 -15.02
C ASP B 276 -11.94 -12.29 -15.59
N ALA B 277 -12.46 -13.47 -15.94
CA ALA B 277 -11.68 -14.53 -16.55
C ALA B 277 -10.58 -15.01 -15.59
N LYS B 278 -10.97 -15.24 -14.35
CA LYS B 278 -10.02 -15.66 -13.35
C LYS B 278 -9.60 -17.11 -13.54
N CYS B 279 -8.32 -17.35 -13.27
CA CYS B 279 -7.76 -18.68 -13.15
C CYS B 279 -8.29 -19.31 -11.85
N SER B 280 -9.60 -19.57 -11.79
CA SER B 280 -10.16 -20.26 -10.65
C SER B 280 -9.88 -21.78 -10.66
N TRP B 281 -10.08 -22.42 -9.53
CA TRP B 281 -9.98 -23.86 -9.43
C TRP B 281 -10.88 -24.57 -10.43
N LEU B 282 -12.14 -24.11 -10.47
CA LEU B 282 -13.13 -24.65 -11.38
C LEU B 282 -12.62 -24.64 -12.85
N ALA B 283 -12.24 -23.47 -13.32
CA ALA B 283 -11.73 -23.31 -14.66
C ALA B 283 -10.64 -24.31 -14.98
N VAL B 284 -9.72 -24.51 -14.03
CA VAL B 284 -8.50 -25.26 -14.33
C VAL B 284 -8.81 -26.74 -14.22
N THR B 285 -9.63 -27.08 -13.26
CA THR B 285 -10.03 -28.46 -13.13
C THR B 285 -10.91 -28.86 -14.32
N PHE B 286 -11.73 -27.95 -14.77
CA PHE B 286 -12.57 -28.13 -15.96
C PHE B 286 -11.73 -28.32 -17.22
N LEU B 287 -10.82 -27.41 -17.46
CA LEU B 287 -9.99 -27.51 -18.65
C LEU B 287 -9.12 -28.78 -18.73
N ALA B 288 -8.81 -29.43 -17.62
CA ALA B 288 -7.90 -30.59 -17.72
C ALA B 288 -8.63 -31.87 -18.09
N LYS B 289 -9.94 -31.90 -17.85
CA LYS B 289 -10.72 -33.12 -18.06
C LYS B 289 -11.73 -33.07 -19.19
N ALA B 290 -11.83 -31.92 -19.85
CA ALA B 290 -12.96 -31.63 -20.73
C ALA B 290 -12.68 -32.04 -22.16
N SER B 291 -13.74 -32.36 -22.87
CA SER B 291 -13.62 -32.66 -24.28
C SER B 291 -13.24 -31.39 -25.03
N SER B 292 -12.57 -31.54 -26.16
CA SER B 292 -12.38 -30.42 -27.07
C SER B 292 -13.67 -29.64 -27.29
N ALA B 293 -14.81 -30.33 -27.37
CA ALA B 293 -16.08 -29.66 -27.70
C ALA B 293 -16.42 -28.71 -26.58
N GLN B 294 -16.40 -29.25 -25.37
CA GLN B 294 -16.54 -28.49 -24.16
C GLN B 294 -15.53 -27.36 -24.01
N VAL B 295 -14.25 -27.67 -24.16
CA VAL B 295 -13.25 -26.62 -24.10
C VAL B 295 -13.64 -25.48 -25.05
N ALA B 296 -14.09 -25.80 -26.24
CA ALA B 296 -14.39 -24.79 -27.24
C ALA B 296 -15.53 -23.90 -26.80
N GLU B 297 -16.59 -24.50 -26.27
CA GLU B 297 -17.74 -23.74 -25.83
C GLU B 297 -17.30 -22.79 -24.68
N PHE B 298 -16.44 -23.32 -23.82
CA PHE B 298 -15.88 -22.59 -22.73
C PHE B 298 -15.15 -21.34 -23.25
N LYS B 299 -14.13 -21.53 -24.07
CA LYS B 299 -13.38 -20.40 -24.63
C LYS B 299 -14.32 -19.34 -25.23
N ALA B 300 -15.42 -19.78 -25.81
CA ALA B 300 -16.42 -18.90 -26.41
C ALA B 300 -17.25 -18.13 -25.41
N ASN B 301 -17.46 -18.70 -24.24
CA ASN B 301 -18.21 -18.02 -23.21
C ASN B 301 -17.43 -17.38 -22.02
N TYR B 302 -16.13 -17.58 -21.92
CA TYR B 302 -15.40 -17.15 -20.70
C TYR B 302 -14.78 -15.74 -20.77
N GLY B 303 -14.90 -14.99 -19.67
CA GLY B 303 -14.34 -13.65 -19.57
C GLY B 303 -15.25 -12.58 -20.14
N SER B 304 -16.56 -12.76 -19.98
CA SER B 304 -17.55 -11.85 -20.54
C SER B 304 -18.69 -11.45 -19.58
N GLY B 305 -18.97 -10.13 -19.54
CA GLY B 305 -20.07 -9.57 -18.76
C GLY B 305 -21.40 -10.26 -19.00
N ASP B 306 -21.64 -10.66 -20.23
CA ASP B 306 -22.91 -11.22 -20.66
C ASP B 306 -23.40 -12.39 -19.79
N SER B 307 -24.56 -12.22 -19.18
CA SER B 307 -25.15 -13.18 -18.24
C SER B 307 -25.46 -14.54 -18.84
N GLU B 308 -25.78 -14.56 -20.13
CA GLU B 308 -26.05 -15.86 -20.80
C GLU B 308 -24.71 -16.62 -20.91
N LYS B 309 -23.66 -15.91 -21.32
CA LYS B 309 -22.34 -16.50 -21.40
C LYS B 309 -21.90 -17.01 -20.04
N VAL B 310 -22.06 -16.14 -19.02
CA VAL B 310 -21.80 -16.53 -17.64
C VAL B 310 -22.57 -17.81 -17.27
N ALA B 311 -23.85 -17.85 -17.57
CA ALA B 311 -24.67 -19.05 -17.29
C ALA B 311 -24.10 -20.31 -17.99
N THR B 312 -23.75 -20.18 -19.29
CA THR B 312 -23.18 -21.28 -20.07
C THR B 312 -21.96 -21.89 -19.35
N VAL B 313 -20.99 -21.04 -19.01
CA VAL B 313 -19.81 -21.48 -18.28
C VAL B 313 -20.20 -22.25 -17.02
N ARG B 314 -21.23 -21.76 -16.34
CA ARG B 314 -21.72 -22.40 -15.12
C ARG B 314 -22.24 -23.79 -15.45
N ARG B 315 -22.94 -23.88 -16.58
CA ARG B 315 -23.56 -25.12 -17.00
C ARG B 315 -22.48 -26.13 -17.40
N LEU B 316 -21.48 -25.69 -18.16
CA LEU B 316 -20.38 -26.59 -18.53
C LEU B 316 -19.76 -27.20 -17.26
N TYR B 317 -19.40 -26.35 -16.30
CA TYR B 317 -18.95 -26.79 -14.98
C TYR B 317 -19.84 -27.89 -14.36
N GLU B 318 -21.17 -27.70 -14.35
CA GLU B 318 -22.11 -28.71 -13.83
C GLU B 318 -22.04 -29.99 -14.67
N GLU B 319 -22.02 -29.82 -16.00
CA GLU B 319 -22.03 -30.96 -16.90
C GLU B 319 -20.77 -31.78 -16.72
N ALA B 320 -19.62 -31.13 -16.57
CA ALA B 320 -18.36 -31.87 -16.41
C ALA B 320 -18.20 -32.48 -15.02
N ASP B 321 -19.22 -32.41 -14.19
CA ASP B 321 -19.19 -33.08 -12.89
C ASP B 321 -17.95 -32.68 -12.10
N LEU B 322 -17.87 -31.37 -11.87
CA LEU B 322 -16.82 -30.81 -11.04
C LEU B 322 -17.13 -31.04 -9.56
N GLN B 323 -18.41 -31.21 -9.22
CA GLN B 323 -18.76 -31.56 -7.87
C GLN B 323 -18.14 -32.94 -7.58
N GLY B 324 -18.00 -33.77 -8.60
CA GLY B 324 -17.20 -34.99 -8.42
C GLY B 324 -15.81 -34.70 -7.87
N ASP B 325 -15.04 -33.93 -8.64
CA ASP B 325 -13.65 -33.60 -8.33
C ASP B 325 -13.46 -32.91 -6.99
N TYR B 326 -14.43 -32.09 -6.60
CA TYR B 326 -14.30 -31.28 -5.38
C TYR B 326 -14.28 -32.14 -4.12
N VAL B 327 -15.31 -32.98 -4.01
CA VAL B 327 -15.44 -34.01 -3.00
C VAL B 327 -14.17 -34.84 -2.85
N ALA B 328 -13.63 -35.30 -3.96
CA ALA B 328 -12.45 -36.14 -3.88
C ALA B 328 -11.25 -35.30 -3.35
N TYR B 329 -11.17 -34.04 -3.79
CA TYR B 329 -10.06 -33.15 -3.43
C TYR B 329 -10.14 -32.86 -1.96
N GLU B 330 -11.34 -32.46 -1.58
CA GLU B 330 -11.62 -32.16 -0.23
C GLU B 330 -11.22 -33.31 0.69
N ALA B 331 -11.68 -34.52 0.38
CA ALA B 331 -11.36 -35.69 1.23
C ALA B 331 -9.86 -35.90 1.28
N ALA B 332 -9.20 -35.66 0.15
CA ALA B 332 -7.76 -35.86 0.10
C ALA B 332 -7.05 -34.79 0.94
N VAL B 333 -7.56 -33.57 0.96
CA VAL B 333 -7.02 -32.55 1.85
C VAL B 333 -7.19 -32.98 3.31
N ALA B 334 -8.41 -33.39 3.65
CA ALA B 334 -8.76 -33.73 5.03
C ALA B 334 -7.85 -34.78 5.67
N GLU B 335 -7.41 -35.78 4.90
CA GLU B 335 -6.58 -36.82 5.51
C GLU B 335 -5.14 -36.36 5.69
N GLN B 336 -4.58 -35.65 4.72
CA GLN B 336 -3.23 -35.07 4.88
C GLN B 336 -3.20 -34.11 6.07
N VAL B 337 -4.28 -33.32 6.23
CA VAL B 337 -4.42 -32.41 7.36
C VAL B 337 -4.46 -33.18 8.67
N LYS B 338 -5.27 -34.21 8.71
CA LYS B 338 -5.42 -35.08 9.88
C LYS B 338 -4.07 -35.67 10.34
N GLU B 339 -3.30 -36.20 9.41
CA GLU B 339 -2.00 -36.74 9.73
C GLU B 339 -1.04 -35.68 10.26
N LEU B 340 -1.01 -34.51 9.63
CA LEU B 340 -0.03 -33.47 9.97
C LEU B 340 -0.32 -32.87 11.35
N ILE B 341 -1.60 -32.70 11.61
CA ILE B 341 -2.05 -32.31 12.93
C ILE B 341 -1.53 -33.29 13.97
N GLU B 342 -1.64 -34.60 13.72
CA GLU B 342 -1.10 -35.56 14.64
C GLU B 342 0.44 -35.48 14.74
N LYS B 343 1.13 -35.23 13.63
CA LYS B 343 2.60 -35.08 13.68
C LYS B 343 2.94 -33.93 14.64
N LEU B 344 2.08 -32.94 14.66
CA LEU B 344 2.31 -31.75 15.44
C LEU B 344 1.87 -31.92 16.91
N ARG B 345 0.88 -32.78 17.12
CA ARG B 345 0.37 -33.06 18.45
C ARG B 345 1.42 -33.75 19.35
N LEU B 346 2.29 -34.54 18.74
CA LEU B 346 3.38 -35.20 19.47
C LEU B 346 4.15 -34.25 20.39
N CYS B 347 4.72 -33.18 19.84
CA CYS B 347 5.48 -32.25 20.67
C CYS B 347 4.78 -30.93 20.94
N SER B 348 3.57 -30.73 20.42
CA SER B 348 2.97 -29.40 20.47
C SER B 348 1.46 -29.30 20.78
N PRO B 349 0.96 -30.18 21.67
CA PRO B 349 -0.48 -30.50 21.81
C PRO B 349 -1.45 -29.32 21.83
N GLY B 350 -1.06 -28.25 22.53
CA GLY B 350 -1.90 -27.06 22.69
C GLY B 350 -2.03 -26.34 21.36
N PHE B 351 -0.91 -26.18 20.69
CA PHE B 351 -0.89 -25.59 19.36
C PHE B 351 -1.76 -26.43 18.46
N ALA B 352 -1.51 -27.75 18.48
CA ALA B 352 -2.24 -28.70 17.62
C ALA B 352 -3.76 -28.61 17.79
N ALA B 353 -4.23 -28.37 19.00
CA ALA B 353 -5.66 -28.25 19.20
C ALA B 353 -6.18 -27.01 18.46
N SER B 354 -5.43 -25.91 18.50
CA SER B 354 -5.93 -24.64 17.89
C SER B 354 -5.92 -24.72 16.36
N VAL B 355 -4.90 -25.36 15.82
CA VAL B 355 -4.91 -25.72 14.41
C VAL B 355 -6.16 -26.55 14.04
N GLU B 356 -6.53 -27.48 14.91
CA GLU B 356 -7.73 -28.31 14.71
C GLU B 356 -8.97 -27.42 14.68
N THR B 357 -9.11 -26.54 15.66
CA THR B 357 -10.18 -25.55 15.61
C THR B 357 -10.20 -24.76 14.30
N LEU B 358 -9.06 -24.21 13.90
CA LEU B 358 -8.96 -23.51 12.64
C LEU B 358 -9.46 -24.37 11.47
N TRP B 359 -8.98 -25.58 11.38
CA TRP B 359 -9.50 -26.50 10.38
C TRP B 359 -11.01 -26.67 10.57
N GLY B 360 -11.46 -26.79 11.81
CA GLY B 360 -12.89 -26.87 12.12
C GLY B 360 -13.69 -25.80 11.40
N LYS B 361 -13.15 -24.58 11.38
CA LYS B 361 -13.79 -23.44 10.74
C LYS B 361 -13.64 -23.41 9.25
N THR B 362 -12.79 -24.28 8.72
CA THR B 362 -12.58 -24.38 7.27
C THR B 362 -13.34 -25.52 6.58
N TYR B 363 -13.10 -26.76 7.03
CA TYR B 363 -13.68 -27.97 6.44
C TYR B 363 -15.17 -27.83 6.32
N LYS B 364 -15.67 -27.82 5.08
CA LYS B 364 -17.11 -27.71 4.78
C LYS B 364 -17.78 -26.44 5.30
N ARG B 365 -17.00 -25.36 5.40
CA ARG B 365 -17.55 -24.05 5.66
C ARG B 365 -18.60 -23.78 4.58
N GLN B 366 -19.68 -23.15 5.02
CA GLN B 366 -20.74 -22.66 4.14
C GLN B 366 -20.57 -21.13 3.94
N LYS B 367 -19.70 -20.53 4.76
CA LYS B 367 -19.48 -19.07 4.90
C LYS B 367 -20.67 -18.19 4.55
#